data_4CPA
#
_entry.id   4CPA
#
_cell.length_a   53.450
_cell.length_b   53.450
_cell.length_c   218.500
_cell.angle_alpha   90.00
_cell.angle_beta   90.00
_cell.angle_gamma   120.00
#
_symmetry.space_group_name_H-M   'P 32'
#
loop_
_entity.id
_entity.type
_entity.pdbx_description
1 polymer 'CARBOXYPEPTIDASE A'
2 polymer 'METALLOCARBOXYPEPTIDASE INHIBITOR'
3 non-polymer GLYCINE
4 non-polymer 'ZINC ION'
#
loop_
_entity_poly.entity_id
_entity_poly.type
_entity_poly.pdbx_seq_one_letter_code
_entity_poly.pdbx_strand_id
1 'polypeptide(L)'
;ARSTNTFNYATYHTLDEIYDFMDLLVAQHPELVSKLQIGRSYEGRPIYVLKFSTGGSNRPAIWIDLGIHSREWITQATGV
WFAKKFTENYGQNPSFTAILDSMDIFLEIVTNPNGFAFTHSENRLWRKTRSVTSSSLCVGVDANRNWDAGFGKAGASSSP
CSETYHGKYANSEVEVKSIVDFVKNHGNFKAFLSIHSYSQLLLYPYGYTTQSIPDKTELNQVAKSAVAALKSLYGTSYKY
GSIITTIYQASGGSIDWSYNQGIKYSFTFELRDTGRYGFLLPASQIIPTAQETWLGVLTIMEHTVNN
;
A,B
2 'polypeptide(L)' ZZHADPICNKPCKTHDDCSGAWFCQACWNSARTCGPYV I,J
#
loop_
_chem_comp.id
_chem_comp.type
_chem_comp.name
_chem_comp.formula
ZN non-polymer 'ZINC ION' 'Zn 2'
#
# COMPACT_ATOMS: atom_id res chain seq x y z
N ALA A 1 4.51 11.56 18.55
CA ALA A 1 3.06 11.70 18.94
C ALA A 1 2.66 13.02 19.63
N ARG A 2 3.11 13.13 20.90
CA ARG A 2 3.06 14.37 21.72
C ARG A 2 4.62 14.76 21.89
N SER A 3 5.48 13.95 21.26
CA SER A 3 6.92 14.29 21.42
C SER A 3 7.62 13.53 20.32
N THR A 4 8.66 14.17 19.86
CA THR A 4 9.52 13.65 18.81
C THR A 4 10.32 12.48 19.41
N ASN A 5 10.48 12.43 20.71
CA ASN A 5 11.14 11.24 21.29
C ASN A 5 10.20 10.02 21.27
N THR A 6 8.94 10.31 21.15
CA THR A 6 7.90 9.27 21.19
C THR A 6 7.27 9.06 19.86
N PHE A 7 7.65 9.86 18.86
CA PHE A 7 7.10 9.62 17.51
C PHE A 7 7.89 8.44 16.94
N ASN A 8 7.10 7.52 16.37
CA ASN A 8 7.62 6.18 15.96
C ASN A 8 8.19 6.37 14.60
N TYR A 9 9.50 6.37 14.47
CA TYR A 9 10.24 6.47 13.20
C TYR A 9 10.32 5.23 12.31
N ALA A 10 9.88 4.08 12.73
CA ALA A 10 9.96 2.80 12.09
C ALA A 10 8.64 2.12 11.68
N THR A 11 7.76 2.92 11.21
CA THR A 11 6.38 2.80 10.76
C THR A 11 6.23 3.75 9.61
N TYR A 12 5.25 3.52 8.76
CA TYR A 12 4.84 4.49 7.67
C TYR A 12 3.65 5.30 8.26
N HIS A 13 3.76 6.60 8.17
CA HIS A 13 2.80 7.54 8.73
C HIS A 13 1.96 8.15 7.65
N THR A 14 1.08 9.09 7.95
CA THR A 14 0.28 9.84 6.97
C THR A 14 0.66 11.30 6.86
N LEU A 15 0.12 12.00 5.85
CA LEU A 15 0.31 13.43 5.76
C LEU A 15 0.16 14.10 7.13
N ASP A 16 -0.99 13.93 7.71
CA ASP A 16 -1.39 14.52 9.01
C ASP A 16 -0.42 14.11 10.09
N GLU A 17 0.13 12.92 10.02
CA GLU A 17 1.05 12.53 11.09
C GLU A 17 2.40 13.23 10.99
N ILE A 18 2.81 13.58 9.84
CA ILE A 18 4.00 14.28 9.41
C ILE A 18 3.97 15.80 9.37
N TYR A 19 2.88 16.39 9.02
CA TYR A 19 2.73 17.89 9.07
C TYR A 19 2.80 18.26 10.54
N ASP A 20 2.46 17.31 11.36
CA ASP A 20 2.31 17.31 12.79
C ASP A 20 3.69 17.11 13.42
N PHE A 21 4.40 16.13 12.98
CA PHE A 21 5.75 15.89 13.57
C PHE A 21 6.55 17.17 13.38
N MET A 22 6.34 17.75 12.16
CA MET A 22 7.12 18.94 11.79
C MET A 22 6.81 19.96 12.88
N ASP A 23 5.58 20.08 13.35
CA ASP A 23 5.21 20.99 14.44
C ASP A 23 5.84 20.64 15.82
N LEU A 24 5.99 19.40 16.19
CA LEU A 24 6.63 18.97 17.41
C LEU A 24 8.09 19.41 17.33
N LEU A 25 8.77 19.01 16.28
CA LEU A 25 10.21 19.31 16.09
C LEU A 25 10.45 20.78 16.40
N VAL A 26 9.74 21.72 15.83
CA VAL A 26 10.08 23.14 15.93
C VAL A 26 9.90 23.59 17.37
N ALA A 27 8.78 23.19 17.91
CA ALA A 27 8.35 23.53 19.27
C ALA A 27 9.41 23.02 20.24
N GLN A 28 9.96 21.87 19.85
CA GLN A 28 11.12 21.32 20.62
C GLN A 28 12.41 22.10 20.43
N HIS A 29 12.73 22.71 19.33
CA HIS A 29 13.96 23.33 18.96
C HIS A 29 13.75 24.55 18.11
N PRO A 30 13.09 25.56 18.62
CA PRO A 30 12.80 26.79 17.89
C PRO A 30 14.03 27.63 17.57
N GLU A 31 15.06 27.33 18.25
CA GLU A 31 16.39 27.93 18.12
C GLU A 31 17.20 27.20 17.07
N LEU A 32 16.86 25.97 16.74
CA LEU A 32 17.52 25.23 15.62
C LEU A 32 16.56 25.15 14.43
N VAL A 33 15.31 24.79 14.52
CA VAL A 33 14.40 24.66 13.42
C VAL A 33 13.29 25.71 13.47
N SER A 34 12.92 26.06 12.23
CA SER A 34 11.84 26.81 11.66
C SER A 34 11.04 26.00 10.57
N LYS A 35 9.77 26.29 10.53
CA LYS A 35 8.88 25.65 9.50
C LYS A 35 8.34 26.79 8.62
N LEU A 36 8.76 26.68 7.36
CA LEU A 36 8.49 27.56 6.25
C LEU A 36 7.44 27.00 5.27
N GLN A 37 6.49 27.80 4.95
CA GLN A 37 5.52 27.43 3.94
C GLN A 37 5.93 28.13 2.65
N ILE A 38 6.46 27.33 1.72
CA ILE A 38 6.88 27.96 0.45
C ILE A 38 5.80 27.97 -0.61
N GLY A 39 4.61 27.49 -0.32
CA GLY A 39 3.53 27.35 -1.30
C GLY A 39 2.40 26.52 -0.73
N ARG A 40 1.42 26.41 -1.64
CA ARG A 40 0.14 25.70 -1.33
C ARG A 40 -0.07 24.69 -2.45
N SER A 41 -0.33 23.43 -2.27
CA SER A 41 -0.42 22.52 -3.43
C SER A 41 -1.59 22.83 -4.39
N TYR A 42 -1.62 21.97 -5.37
CA TYR A 42 -2.50 21.95 -6.48
C TYR A 42 -3.93 22.01 -5.92
N GLU A 43 -4.22 21.02 -5.10
CA GLU A 43 -5.44 20.81 -4.38
C GLU A 43 -5.42 21.40 -2.98
N GLY A 44 -4.77 22.55 -2.73
CA GLY A 44 -4.72 23.40 -1.62
C GLY A 44 -3.94 23.22 -0.38
N ARG A 45 -3.32 22.04 -0.18
CA ARG A 45 -2.42 21.75 0.95
C ARG A 45 -1.16 22.60 0.92
N PRO A 46 -0.84 23.05 2.10
CA PRO A 46 0.41 23.83 2.26
C PRO A 46 1.60 22.91 1.99
N ILE A 47 2.57 23.53 1.34
CA ILE A 47 3.84 22.86 1.10
C ILE A 47 4.75 23.42 2.19
N TYR A 48 5.31 22.57 3.02
CA TYR A 48 6.19 23.13 4.06
C TYR A 48 7.66 22.86 3.80
N VAL A 49 8.56 23.79 3.97
CA VAL A 49 10.00 23.53 3.99
C VAL A 49 10.44 23.83 5.45
N LEU A 50 11.25 22.98 6.00
CA LEU A 50 11.87 23.03 7.32
C LEU A 50 13.32 23.56 7.23
N LYS A 51 13.60 24.73 7.77
CA LYS A 51 14.99 25.27 7.68
C LYS A 51 15.68 25.02 8.99
N PHE A 52 16.86 24.47 9.02
CA PHE A 52 17.78 24.12 10.08
C PHE A 52 18.94 25.12 9.97
N SER A 53 19.12 25.91 10.97
CA SER A 53 20.06 27.00 11.13
C SER A 53 20.57 27.30 12.55
N THR A 54 21.85 27.74 12.57
CA THR A 54 22.39 28.15 13.92
C THR A 54 22.48 29.68 13.85
N GLY A 55 21.74 30.29 12.89
CA GLY A 55 21.71 31.74 12.73
C GLY A 55 22.45 32.21 11.49
N GLY A 56 23.00 33.43 11.56
CA GLY A 56 23.80 34.09 10.56
C GLY A 56 23.06 34.77 9.42
N SER A 57 23.90 35.19 8.43
CA SER A 57 23.41 35.96 7.24
C SER A 57 22.32 35.37 6.36
N ASN A 58 22.62 34.94 5.17
CA ASN A 58 21.89 34.24 4.13
C ASN A 58 22.93 33.14 3.79
N ARG A 59 23.26 32.51 4.89
CA ARG A 59 24.32 31.49 4.79
C ARG A 59 23.93 30.63 3.60
N PRO A 60 24.97 30.11 2.97
CA PRO A 60 24.91 29.08 1.95
C PRO A 60 24.11 27.90 2.55
N ALA A 61 23.07 27.50 1.83
CA ALA A 61 22.22 26.42 2.28
C ALA A 61 22.43 25.24 1.34
N ILE A 62 22.08 24.09 1.84
CA ILE A 62 22.05 22.77 1.29
C ILE A 62 20.62 22.41 0.89
N TRP A 63 20.25 22.03 -0.31
CA TRP A 63 18.78 21.72 -0.33
C TRP A 63 18.62 20.22 -0.42
N ILE A 64 17.71 19.63 0.39
CA ILE A 64 17.29 18.24 0.28
C ILE A 64 15.73 18.11 0.15
N ASP A 65 15.31 17.53 -0.92
CA ASP A 65 13.89 17.22 -1.22
C ASP A 65 13.57 15.73 -1.14
N LEU A 66 12.36 15.49 -0.68
CA LEU A 66 11.87 14.05 -0.64
C LEU A 66 10.46 14.02 -1.20
N GLY A 67 9.91 12.93 -1.67
CA GLY A 67 8.66 12.72 -2.25
C GLY A 67 8.13 13.48 -3.45
N ILE A 68 8.89 14.03 -4.38
CA ILE A 68 8.42 14.59 -5.67
C ILE A 68 7.45 13.56 -6.30
N HIS A 69 7.69 12.26 -5.98
CA HIS A 69 6.94 11.08 -6.36
C HIS A 69 6.34 10.25 -5.20
N SER A 70 5.03 10.35 -5.04
CA SER A 70 4.31 9.90 -3.88
C SER A 70 4.41 8.46 -3.48
N ARG A 71 4.46 7.53 -4.40
CA ARG A 71 4.50 6.09 -4.25
C ARG A 71 5.78 5.59 -3.60
N GLU A 72 6.80 6.43 -3.80
CA GLU A 72 8.16 6.17 -3.37
C GLU A 72 8.30 6.43 -1.88
N TRP A 73 7.49 5.81 -1.06
CA TRP A 73 7.25 6.05 0.43
C TRP A 73 8.49 6.13 1.29
N ILE A 74 9.54 5.39 1.21
CA ILE A 74 10.74 5.40 2.04
C ILE A 74 11.50 6.73 2.13
N THR A 75 11.20 7.67 1.27
CA THR A 75 11.86 8.95 1.12
C THR A 75 11.21 9.95 2.07
N GLN A 76 9.91 9.81 2.26
CA GLN A 76 9.19 10.74 3.14
C GLN A 76 9.63 10.38 4.53
N ALA A 77 9.81 9.13 4.77
CA ALA A 77 10.11 8.40 5.99
C ALA A 77 11.58 8.44 6.39
N THR A 78 12.51 8.52 5.49
CA THR A 78 13.88 8.90 5.59
C THR A 78 14.01 10.40 5.94
N GLY A 79 13.08 11.14 5.35
CA GLY A 79 12.80 12.53 5.47
C GLY A 79 12.55 12.95 6.92
N VAL A 80 11.59 12.41 7.61
CA VAL A 80 11.28 12.45 9.01
C VAL A 80 12.48 12.09 9.95
N TRP A 81 13.25 11.07 9.61
CA TRP A 81 14.48 10.66 10.31
C TRP A 81 15.59 11.70 10.18
N PHE A 82 15.84 12.23 9.01
CA PHE A 82 16.78 13.37 8.86
C PHE A 82 16.37 14.51 9.76
N ALA A 83 15.19 15.05 9.70
CA ALA A 83 14.80 16.13 10.64
C ALA A 83 15.16 15.73 12.06
N LYS A 84 14.71 14.54 12.46
CA LYS A 84 14.97 14.11 13.85
C LYS A 84 16.48 14.17 14.06
N LYS A 85 17.23 13.47 13.23
CA LYS A 85 18.68 13.41 13.34
C LYS A 85 19.36 14.74 13.25
N PHE A 86 19.01 15.73 12.48
CA PHE A 86 19.69 17.05 12.52
C PHE A 86 19.72 17.56 13.96
N THR A 87 18.52 17.66 14.50
CA THR A 87 18.25 18.15 15.82
C THR A 87 19.07 17.46 16.88
N GLU A 88 19.49 16.19 16.74
CA GLU A 88 20.20 15.48 17.79
C GLU A 88 21.71 15.51 17.68
N ASN A 89 22.19 15.61 16.49
CA ASN A 89 23.62 15.48 16.21
C ASN A 89 24.24 16.85 16.40
N TYR A 90 23.45 17.90 16.25
CA TYR A 90 23.96 19.24 16.46
C TYR A 90 24.54 19.34 17.90
N GLY A 91 25.79 19.84 17.89
CA GLY A 91 26.57 20.00 19.10
C GLY A 91 27.05 18.64 19.57
N GLN A 92 26.73 17.51 19.01
CA GLN A 92 27.08 16.16 19.44
C GLN A 92 28.30 15.73 18.59
N ASN A 93 28.04 15.71 17.30
CA ASN A 93 28.94 15.42 16.21
C ASN A 93 29.47 16.75 15.65
N PRO A 94 30.79 16.84 15.84
CA PRO A 94 31.63 17.99 15.42
C PRO A 94 31.48 18.28 13.93
N SER A 95 31.45 17.13 13.24
CA SER A 95 31.31 17.20 11.78
C SER A 95 29.98 17.92 11.49
N PHE A 96 28.93 17.19 11.93
CA PHE A 96 27.55 17.66 11.72
C PHE A 96 27.50 19.08 12.35
N THR A 97 27.92 19.30 13.58
CA THR A 97 27.83 20.69 14.08
C THR A 97 28.69 21.67 13.27
N ALA A 98 29.86 21.40 12.78
CA ALA A 98 30.69 22.28 11.96
C ALA A 98 29.94 23.00 10.84
N ILE A 99 29.22 22.20 10.08
CA ILE A 99 28.33 22.37 8.96
C ILE A 99 27.12 23.22 9.35
N LEU A 100 26.41 22.99 10.42
CA LEU A 100 25.29 23.86 10.82
C LEU A 100 25.73 25.23 11.36
N ASP A 101 27.00 25.28 11.65
CA ASP A 101 27.77 26.40 12.18
C ASP A 101 28.30 27.22 11.00
N SER A 102 28.06 26.81 9.80
CA SER A 102 28.47 27.47 8.56
C SER A 102 27.32 27.51 7.49
N MET A 103 26.45 26.54 7.40
CA MET A 103 25.47 26.40 6.33
C MET A 103 24.11 26.16 6.96
N ASP A 104 23.11 26.61 6.22
CA ASP A 104 21.71 26.33 6.63
C ASP A 104 21.23 25.09 5.84
N ILE A 105 20.36 24.30 6.43
CA ILE A 105 19.89 23.15 5.63
C ILE A 105 18.35 23.37 5.48
N PHE A 106 17.92 23.06 4.29
CA PHE A 106 16.54 23.12 3.85
C PHE A 106 16.02 21.74 3.41
N LEU A 107 15.17 21.25 4.27
CA LEU A 107 14.53 19.96 4.27
C LEU A 107 13.04 19.96 3.90
N GLU A 108 12.78 19.26 2.84
CA GLU A 108 11.41 19.07 2.30
C GLU A 108 11.13 17.61 1.95
N ILE A 109 10.35 17.07 2.84
CA ILE A 109 9.92 15.73 3.14
C ILE A 109 8.78 15.21 2.27
N VAL A 110 7.80 16.04 2.01
CA VAL A 110 6.62 15.81 1.18
C VAL A 110 6.55 17.01 0.23
N THR A 111 7.27 16.89 -0.89
CA THR A 111 7.38 17.81 -2.01
C THR A 111 6.11 17.75 -2.83
N ASN A 112 5.59 16.55 -2.90
CA ASN A 112 4.30 16.20 -3.54
C ASN A 112 3.32 15.57 -2.52
N PRO A 113 2.60 16.50 -1.84
CA PRO A 113 1.65 16.28 -0.79
C PRO A 113 0.30 15.69 -1.22
N ASN A 114 -0.28 16.13 -2.32
CA ASN A 114 -1.41 15.74 -3.09
C ASN A 114 -1.38 14.25 -3.47
N GLY A 115 -0.36 13.89 -4.16
CA GLY A 115 0.04 12.52 -4.64
C GLY A 115 0.29 11.60 -3.45
N PHE A 116 1.06 11.96 -2.48
CA PHE A 116 1.18 11.18 -1.23
C PHE A 116 -0.15 10.85 -0.55
N ALA A 117 -1.05 11.75 -0.23
CA ALA A 117 -2.32 11.43 0.38
C ALA A 117 -3.10 10.51 -0.57
N PHE A 118 -2.89 10.59 -1.86
CA PHE A 118 -3.52 9.82 -2.90
C PHE A 118 -3.13 8.34 -2.80
N THR A 119 -1.91 8.11 -2.38
CA THR A 119 -1.33 6.79 -2.22
C THR A 119 -1.88 6.01 -1.04
N HIS A 120 -2.55 6.75 -0.18
CA HIS A 120 -3.08 6.34 1.13
C HIS A 120 -4.51 5.90 0.98
N SER A 121 -5.33 6.76 0.36
CA SER A 121 -6.79 6.51 0.28
C SER A 121 -7.33 5.92 -1.00
N GLU A 122 -6.62 5.84 -2.04
CA GLU A 122 -6.98 5.51 -3.36
C GLU A 122 -6.08 4.53 -4.09
N ASN A 123 -4.90 4.94 -4.45
CA ASN A 123 -3.93 4.15 -5.21
C ASN A 123 -2.55 4.34 -4.64
N ARG A 124 -1.97 3.30 -4.16
CA ARG A 124 -0.62 3.28 -3.50
C ARG A 124 0.58 3.54 -4.42
N LEU A 125 0.27 3.39 -5.72
CA LEU A 125 1.23 3.41 -6.81
C LEU A 125 1.13 4.65 -7.71
N TRP A 126 0.45 5.65 -7.16
CA TRP A 126 0.36 6.94 -7.81
C TRP A 126 1.77 7.54 -7.80
N ARG A 127 2.35 8.00 -8.89
CA ARG A 127 3.59 8.73 -8.93
C ARG A 127 3.44 10.23 -9.26
N LYS A 128 2.33 10.74 -9.78
CA LYS A 128 2.26 12.12 -10.30
C LYS A 128 1.45 12.99 -9.39
N THR A 129 1.42 14.31 -9.64
CA THR A 129 0.62 15.19 -8.78
C THR A 129 -0.84 15.02 -9.19
N ARG A 130 -1.74 15.87 -8.71
CA ARG A 130 -3.18 15.66 -8.94
C ARG A 130 -3.82 16.83 -9.64
N SER A 131 -3.04 17.41 -10.51
CA SER A 131 -3.50 18.48 -11.41
C SER A 131 -4.38 17.83 -12.49
N VAL A 132 -5.53 18.48 -12.64
CA VAL A 132 -6.63 18.38 -13.63
C VAL A 132 -6.35 19.47 -14.65
N THR A 133 -7.08 19.81 -15.66
CA THR A 133 -6.56 20.58 -16.80
C THR A 133 -5.71 19.66 -17.71
N SER A 134 -6.00 20.04 -18.97
CA SER A 134 -5.41 19.21 -20.10
C SER A 134 -6.58 18.96 -21.05
N SER A 135 -6.22 18.39 -22.26
CA SER A 135 -7.41 17.92 -23.13
C SER A 135 -7.62 16.53 -22.46
N SER A 136 -8.04 16.67 -21.16
CA SER A 136 -7.92 15.61 -20.17
C SER A 136 -9.02 15.46 -19.14
N LEU A 137 -9.30 14.26 -18.91
CA LEU A 137 -9.82 13.04 -18.54
C LEU A 137 -8.84 12.17 -17.72
N CYS A 138 -7.57 12.63 -17.82
CA CYS A 138 -6.21 12.34 -17.43
C CYS A 138 -5.63 13.48 -16.58
N VAL A 139 -5.30 13.12 -15.31
CA VAL A 139 -4.77 14.13 -14.34
C VAL A 139 -3.33 13.74 -13.96
N GLY A 140 -2.63 14.82 -13.59
CA GLY A 140 -1.32 14.81 -13.05
C GLY A 140 -0.12 14.86 -13.95
N VAL A 141 0.95 15.46 -13.56
CA VAL A 141 2.22 15.61 -14.18
C VAL A 141 3.29 14.87 -13.41
N ASP A 142 4.23 14.23 -14.15
CA ASP A 142 5.46 13.66 -13.53
C ASP A 142 6.21 14.89 -13.04
N ALA A 143 6.23 15.28 -11.79
CA ALA A 143 6.90 16.55 -11.44
C ALA A 143 8.42 16.47 -11.62
N ASN A 144 8.97 15.33 -11.94
CA ASN A 144 10.44 15.25 -12.13
C ASN A 144 10.80 15.19 -13.64
N ARG A 145 9.82 15.63 -14.38
CA ARG A 145 9.77 15.92 -15.80
C ARG A 145 9.13 17.28 -16.08
N ASN A 146 9.16 18.30 -15.21
CA ASN A 146 8.55 19.62 -15.29
C ASN A 146 9.46 20.86 -15.17
N TRP A 147 10.64 20.71 -14.65
CA TRP A 147 11.67 21.69 -14.39
C TRP A 147 12.23 22.10 -15.75
N ASP A 148 12.85 23.23 -15.78
CA ASP A 148 13.38 23.86 -16.98
C ASP A 148 14.86 23.55 -17.16
N ALA A 149 15.06 22.37 -17.71
CA ALA A 149 16.27 21.63 -17.98
C ALA A 149 15.95 20.67 -19.09
N GLY A 150 16.00 21.13 -20.37
CA GLY A 150 15.76 20.19 -21.53
C GLY A 150 14.29 19.74 -21.47
N PHE A 151 13.51 20.60 -20.86
CA PHE A 151 12.10 20.44 -20.64
C PHE A 151 11.50 19.85 -21.91
N GLY A 152 10.60 18.90 -21.72
CA GLY A 152 9.73 18.47 -22.82
C GLY A 152 10.40 17.83 -24.00
N LYS A 153 11.66 17.56 -23.85
CA LYS A 153 12.46 16.81 -24.81
C LYS A 153 12.41 15.34 -24.42
N ALA A 154 13.06 14.45 -25.19
CA ALA A 154 12.97 13.01 -24.95
C ALA A 154 13.45 12.72 -23.52
N GLY A 155 12.67 11.82 -22.98
CA GLY A 155 12.76 11.46 -21.56
C GLY A 155 11.52 11.89 -20.78
N ALA A 156 10.63 12.61 -21.41
CA ALA A 156 9.36 13.07 -20.93
C ALA A 156 8.38 12.89 -22.08
N SER A 157 7.26 12.30 -21.71
CA SER A 157 6.09 12.03 -22.53
C SER A 157 5.17 13.22 -22.72
N SER A 158 4.63 13.33 -23.91
CA SER A 158 3.68 14.42 -24.22
C SER A 158 2.27 13.96 -23.92
N SER A 159 1.95 12.73 -23.63
CA SER A 159 0.49 12.58 -23.33
C SER A 159 0.27 12.53 -21.82
N PRO A 160 -0.85 13.19 -21.50
CA PRO A 160 -1.31 13.43 -20.15
C PRO A 160 -1.65 12.25 -19.34
N CYS A 161 -2.05 11.18 -19.90
CA CYS A 161 -2.28 9.93 -19.14
C CYS A 161 -1.00 9.24 -18.78
N SER A 162 0.09 9.81 -19.30
CA SER A 162 1.43 9.26 -19.15
C SER A 162 1.92 9.35 -17.69
N GLU A 163 2.74 8.34 -17.38
CA GLU A 163 3.46 8.35 -16.10
C GLU A 163 4.57 9.38 -16.05
N THR A 164 5.21 9.55 -17.19
CA THR A 164 6.26 10.53 -17.42
C THR A 164 5.89 11.82 -18.11
N TYR A 165 4.66 12.13 -18.11
CA TYR A 165 3.96 13.26 -18.63
C TYR A 165 4.60 14.45 -17.97
N HIS A 166 4.92 15.50 -18.65
CA HIS A 166 5.69 16.66 -18.24
C HIS A 166 4.86 17.90 -18.02
N GLY A 167 3.55 17.93 -18.19
CA GLY A 167 2.89 19.24 -17.80
C GLY A 167 2.94 20.05 -19.05
N LYS A 168 2.29 21.17 -19.13
CA LYS A 168 2.17 21.88 -20.43
C LYS A 168 3.32 22.82 -20.74
N TYR A 169 3.99 23.14 -19.64
CA TYR A 169 5.15 24.02 -19.64
C TYR A 169 5.88 23.73 -18.33
N ALA A 170 7.15 24.08 -18.31
CA ALA A 170 8.08 23.97 -17.20
C ALA A 170 7.61 24.75 -15.99
N ASN A 171 7.73 24.21 -14.81
CA ASN A 171 7.18 24.83 -13.60
C ASN A 171 5.68 25.08 -13.64
N SER A 172 4.99 24.55 -14.61
CA SER A 172 3.53 24.77 -14.64
C SER A 172 2.94 24.39 -13.27
N GLU A 173 3.56 23.35 -12.70
CA GLU A 173 3.19 22.70 -11.43
C GLU A 173 3.64 23.56 -10.30
N VAL A 174 2.74 23.86 -9.40
CA VAL A 174 2.99 24.80 -8.29
C VAL A 174 3.88 24.22 -7.21
N GLU A 175 3.91 22.91 -7.15
CA GLU A 175 4.71 22.16 -6.22
C GLU A 175 6.16 22.38 -6.66
N VAL A 176 6.29 22.47 -7.99
CA VAL A 176 7.55 22.67 -8.69
C VAL A 176 7.95 24.15 -8.77
N LYS A 177 7.10 25.05 -8.99
CA LYS A 177 7.34 26.49 -8.96
C LYS A 177 7.76 26.96 -7.56
N SER A 178 7.12 26.53 -6.51
CA SER A 178 7.50 26.91 -5.14
C SER A 178 8.99 26.87 -4.90
N ILE A 179 9.63 25.71 -5.07
CA ILE A 179 10.98 25.36 -4.87
C ILE A 179 11.85 26.32 -5.72
N VAL A 180 11.53 26.25 -7.01
CA VAL A 180 12.25 27.06 -7.98
C VAL A 180 12.36 28.55 -7.60
N ASP A 181 11.37 29.29 -7.31
CA ASP A 181 11.28 30.70 -6.97
C ASP A 181 12.13 31.06 -5.75
N PHE A 182 11.99 30.12 -4.86
CA PHE A 182 12.49 29.89 -3.53
C PHE A 182 13.97 29.62 -3.63
N VAL A 183 14.32 28.61 -4.35
CA VAL A 183 15.74 28.34 -4.55
C VAL A 183 16.38 29.57 -5.17
N LYS A 184 15.67 30.14 -6.12
CA LYS A 184 16.10 31.24 -6.96
C LYS A 184 16.19 32.62 -6.30
N ASN A 185 15.52 32.83 -5.18
CA ASN A 185 15.49 34.03 -4.40
C ASN A 185 16.69 34.11 -3.42
N HIS A 186 16.82 32.97 -2.83
CA HIS A 186 17.81 32.77 -1.79
C HIS A 186 19.16 33.10 -2.36
N GLY A 187 19.45 32.46 -3.46
CA GLY A 187 20.59 32.50 -4.29
C GLY A 187 21.91 31.98 -3.74
N ASN A 188 21.79 31.30 -2.60
CA ASN A 188 22.97 30.81 -1.88
C ASN A 188 22.88 29.34 -1.58
N PHE A 189 22.40 28.63 -2.56
CA PHE A 189 22.30 27.15 -2.59
C PHE A 189 23.61 26.66 -3.16
N LYS A 190 24.43 25.91 -2.39
CA LYS A 190 25.65 25.37 -3.00
C LYS A 190 25.54 23.85 -3.17
N ALA A 191 24.47 23.25 -2.79
CA ALA A 191 24.04 21.88 -2.87
C ALA A 191 22.53 21.71 -3.13
N PHE A 192 22.24 20.64 -3.90
CA PHE A 192 20.83 20.25 -4.18
C PHE A 192 20.82 18.72 -4.34
N LEU A 193 20.17 18.01 -3.45
CA LEU A 193 20.01 16.56 -3.44
C LEU A 193 18.50 16.24 -3.56
N SER A 194 18.19 15.27 -4.40
CA SER A 194 16.79 14.78 -4.53
C SER A 194 16.75 13.26 -4.25
N ILE A 195 15.97 12.87 -3.30
CA ILE A 195 15.79 11.50 -2.86
C ILE A 195 14.53 10.89 -3.57
N HIS A 196 14.83 9.70 -4.06
CA HIS A 196 13.91 8.90 -4.86
C HIS A 196 14.05 7.48 -4.36
N SER A 197 13.21 6.60 -4.84
CA SER A 197 13.15 5.15 -4.50
C SER A 197 12.94 4.38 -5.80
N TYR A 198 13.49 3.21 -6.01
CA TYR A 198 14.38 2.39 -5.25
C TYR A 198 15.52 1.98 -6.16
N SER A 199 16.61 1.41 -5.76
CA SER A 199 17.58 0.80 -6.69
C SER A 199 19.04 0.99 -6.28
N GLN A 200 19.22 1.82 -5.35
CA GLN A 200 20.62 1.95 -4.84
C GLN A 200 21.54 2.41 -5.95
N LEU A 201 21.46 3.72 -6.24
CA LEU A 201 22.16 4.51 -7.20
C LEU A 201 22.35 5.93 -6.63
N LEU A 202 23.48 6.50 -6.81
CA LEU A 202 23.77 7.95 -6.48
C LEU A 202 24.05 8.61 -7.84
N LEU A 203 23.20 9.46 -8.38
CA LEU A 203 23.17 10.05 -9.68
C LEU A 203 23.43 11.55 -9.65
N TYR A 204 24.16 12.05 -10.65
CA TYR A 204 24.50 13.43 -10.95
C TYR A 204 24.06 13.72 -12.41
N PRO A 205 23.99 14.99 -12.73
CA PRO A 205 23.61 15.39 -14.11
C PRO A 205 24.42 14.71 -15.19
N TYR A 206 23.91 14.58 -16.41
CA TYR A 206 22.60 15.05 -16.88
C TYR A 206 21.66 13.84 -17.19
N GLY A 207 20.40 14.18 -17.40
CA GLY A 207 19.32 13.25 -17.65
C GLY A 207 18.77 13.27 -19.06
N TYR A 208 18.74 14.47 -19.63
CA TYR A 208 18.17 14.72 -20.94
C TYR A 208 19.14 14.81 -22.08
N THR A 209 20.42 14.68 -21.82
CA THR A 209 21.55 14.80 -22.75
C THR A 209 22.75 13.95 -22.35
N THR A 210 23.64 13.74 -23.28
CA THR A 210 24.82 12.91 -23.35
C THR A 210 26.07 13.72 -23.03
N GLN A 211 25.98 14.95 -23.40
CA GLN A 211 27.04 15.89 -23.06
C GLN A 211 27.17 15.68 -21.55
N SER A 212 28.42 15.86 -21.13
CA SER A 212 28.88 15.63 -19.76
C SER A 212 29.23 16.94 -19.06
N ILE A 213 28.80 17.05 -17.83
CA ILE A 213 29.05 18.16 -16.96
C ILE A 213 30.54 18.45 -16.84
N PRO A 214 30.93 19.71 -16.96
CA PRO A 214 32.27 20.18 -16.61
C PRO A 214 32.75 19.59 -15.31
N ASP A 215 32.07 19.70 -14.20
CA ASP A 215 32.36 19.17 -12.88
C ASP A 215 32.13 17.69 -12.73
N LYS A 216 32.09 16.96 -13.79
CA LYS A 216 32.03 15.56 -13.97
C LYS A 216 32.97 14.72 -13.13
N THR A 217 34.20 15.15 -13.11
CA THR A 217 35.29 14.57 -12.30
C THR A 217 35.05 14.63 -10.81
N GLU A 218 34.59 15.84 -10.42
CA GLU A 218 34.50 16.18 -9.01
C GLU A 218 33.41 15.30 -8.41
N LEU A 219 32.34 15.36 -9.15
CA LEU A 219 31.03 14.79 -8.71
C LEU A 219 31.22 13.28 -8.70
N ASN A 220 32.01 12.75 -9.64
CA ASN A 220 32.22 11.33 -9.74
C ASN A 220 32.84 10.85 -8.46
N GLN A 221 33.94 11.48 -8.16
CA GLN A 221 34.66 11.16 -6.92
C GLN A 221 33.82 11.39 -5.68
N VAL A 222 33.16 12.55 -5.53
CA VAL A 222 32.34 12.69 -4.29
C VAL A 222 31.31 11.57 -4.29
N ALA A 223 30.80 11.29 -5.47
CA ALA A 223 29.81 10.22 -5.66
C ALA A 223 30.51 8.96 -5.18
N LYS A 224 31.76 8.87 -5.63
CA LYS A 224 32.52 7.64 -5.36
C LYS A 224 32.55 7.47 -3.85
N SER A 225 33.05 8.48 -3.21
CA SER A 225 33.25 8.61 -1.79
C SER A 225 32.01 8.34 -0.93
N ALA A 226 30.97 9.02 -1.39
CA ALA A 226 29.64 9.00 -0.75
C ALA A 226 28.97 7.64 -0.88
N VAL A 227 29.07 6.89 -1.93
CA VAL A 227 28.55 5.52 -2.06
C VAL A 227 29.32 4.57 -1.17
N ALA A 228 30.62 4.84 -0.94
CA ALA A 228 31.56 4.13 -0.09
C ALA A 228 31.08 4.09 1.37
N ALA A 229 30.77 5.28 1.86
CA ALA A 229 30.37 5.58 3.20
C ALA A 229 29.02 5.01 3.55
N LEU A 230 28.17 4.82 2.60
CA LEU A 230 26.77 4.33 2.91
C LEU A 230 26.72 2.84 3.18
N LYS A 231 27.75 2.25 2.64
CA LYS A 231 28.00 0.83 2.52
C LYS A 231 28.68 0.31 3.74
N SER A 232 28.99 1.11 4.67
CA SER A 232 29.87 1.00 5.82
C SER A 232 29.12 0.45 7.01
N LEU A 233 27.82 0.66 6.95
CA LEU A 233 26.88 0.42 8.04
C LEU A 233 26.22 -0.92 7.92
N TYR A 234 25.67 -1.13 6.68
CA TYR A 234 24.97 -2.41 6.45
C TYR A 234 25.54 -3.15 5.27
N GLY A 235 26.46 -2.51 4.61
CA GLY A 235 27.04 -3.12 3.40
C GLY A 235 26.19 -2.95 2.17
N THR A 236 25.24 -2.00 2.14
CA THR A 236 24.39 -1.82 0.92
C THR A 236 25.25 -1.24 -0.18
N SER A 237 25.17 -1.94 -1.31
CA SER A 237 26.01 -1.55 -2.47
C SER A 237 25.12 -0.86 -3.50
N TYR A 238 25.69 0.29 -3.87
CA TYR A 238 25.04 1.20 -4.82
C TYR A 238 25.79 1.22 -6.11
N LYS A 239 25.28 1.89 -7.07
CA LYS A 239 26.01 2.26 -8.33
C LYS A 239 25.85 3.76 -8.48
N TYR A 240 26.76 4.45 -9.13
CA TYR A 240 26.72 5.93 -9.33
C TYR A 240 27.24 6.35 -10.70
N GLY A 241 26.91 7.52 -11.18
CA GLY A 241 27.15 8.05 -12.51
C GLY A 241 26.03 9.00 -12.92
N SER A 242 26.10 9.51 -14.16
CA SER A 242 25.08 10.44 -14.66
C SER A 242 23.78 9.57 -14.71
N ILE A 243 22.70 10.29 -14.84
CA ILE A 243 21.42 9.65 -14.99
C ILE A 243 21.36 9.05 -16.39
N ILE A 244 21.61 9.85 -17.40
CA ILE A 244 21.42 9.39 -18.78
C ILE A 244 22.15 8.08 -18.92
N THR A 245 23.28 8.02 -18.24
CA THR A 245 24.24 6.88 -18.25
C THR A 245 23.78 5.64 -17.48
N THR A 246 23.19 5.78 -16.27
CA THR A 246 22.87 4.65 -15.42
C THR A 246 21.44 4.29 -15.22
N ILE A 247 20.40 5.02 -15.51
CA ILE A 247 19.06 4.53 -15.49
C ILE A 247 18.51 4.73 -16.95
N TYR A 248 18.21 5.97 -17.25
CA TYR A 248 17.47 6.30 -18.47
C TYR A 248 17.51 7.79 -18.79
N GLN A 249 17.43 8.11 -20.11
CA GLN A 249 17.35 9.53 -20.49
C GLN A 249 16.06 10.01 -19.82
N ALA A 250 16.18 11.13 -19.16
CA ALA A 250 15.01 11.75 -18.52
C ALA A 250 15.02 13.24 -18.72
N SER A 251 14.49 13.86 -19.73
CA SER A 251 14.52 15.33 -19.79
C SER A 251 13.77 15.96 -18.60
N GLY A 252 14.01 17.23 -18.36
CA GLY A 252 13.44 18.02 -17.34
C GLY A 252 13.62 17.57 -15.91
N GLY A 253 14.73 16.94 -15.46
CA GLY A 253 14.72 16.42 -14.04
C GLY A 253 15.30 17.53 -13.21
N SER A 254 15.19 17.46 -11.94
CA SER A 254 15.41 18.40 -10.84
C SER A 254 16.85 18.92 -10.66
N ILE A 255 17.78 18.02 -10.83
CA ILE A 255 19.22 17.99 -10.72
C ILE A 255 19.83 18.67 -11.93
N ASP A 256 19.22 18.40 -13.05
CA ASP A 256 19.49 18.96 -14.39
C ASP A 256 19.41 20.47 -14.28
N TRP A 257 18.24 20.85 -13.85
CA TRP A 257 17.94 22.25 -13.65
C TRP A 257 18.83 22.96 -12.65
N SER A 258 19.01 22.41 -11.47
CA SER A 258 19.74 23.03 -10.35
C SER A 258 21.22 23.18 -10.78
N TYR A 259 21.69 22.17 -11.45
CA TYR A 259 23.00 22.11 -11.96
C TYR A 259 23.27 23.29 -12.87
N ASN A 260 22.40 23.55 -13.79
CA ASN A 260 22.56 24.62 -14.81
C ASN A 260 22.37 26.04 -14.20
N GLN A 261 21.77 26.08 -13.05
CA GLN A 261 21.59 27.22 -12.19
C GLN A 261 22.87 27.57 -11.49
N GLY A 262 23.74 26.61 -11.30
CA GLY A 262 25.06 26.69 -10.74
C GLY A 262 25.20 25.97 -9.43
N ILE A 263 24.22 25.18 -9.06
CA ILE A 263 24.18 24.33 -7.85
C ILE A 263 25.02 23.11 -8.26
N LYS A 264 26.31 23.25 -8.07
CA LYS A 264 27.37 22.28 -8.40
C LYS A 264 27.10 20.92 -7.81
N TYR A 265 26.94 20.85 -6.47
CA TYR A 265 26.70 19.54 -5.85
C TYR A 265 25.20 19.20 -5.86
N SER A 266 24.78 18.81 -7.06
CA SER A 266 23.45 18.39 -7.34
C SER A 266 23.50 16.90 -7.68
N PHE A 267 22.93 16.13 -6.81
CA PHE A 267 22.83 14.68 -6.80
C PHE A 267 21.43 14.12 -6.57
N THR A 268 21.09 13.01 -7.20
CA THR A 268 19.85 12.27 -7.00
C THR A 268 20.30 10.87 -6.43
N PHE A 269 19.68 10.49 -5.38
CA PHE A 269 19.75 9.26 -4.62
C PHE A 269 18.51 8.42 -5.02
N GLU A 270 18.72 7.17 -5.31
CA GLU A 270 17.63 6.21 -5.50
C GLU A 270 17.67 5.27 -4.32
N LEU A 271 16.80 5.22 -3.35
CA LEU A 271 17.08 4.38 -2.15
C LEU A 271 16.74 2.92 -2.46
N ARG A 272 16.79 2.28 -1.31
CA ARG A 272 16.49 0.79 -1.33
C ARG A 272 15.09 0.58 -1.91
N ASP A 273 14.78 -0.60 -2.20
CA ASP A 273 15.14 -1.86 -2.65
C ASP A 273 15.99 -1.82 -3.92
N THR A 274 16.06 -2.90 -4.64
CA THR A 274 16.55 -3.23 -5.93
C THR A 274 15.38 -3.85 -6.73
N GLY A 275 14.24 -4.06 -6.11
CA GLY A 275 13.08 -4.66 -6.71
C GLY A 275 12.37 -5.76 -6.01
N ARG A 276 12.79 -6.50 -5.01
CA ARG A 276 12.00 -7.59 -4.42
C ARG A 276 10.65 -7.05 -3.91
N TYR A 277 10.90 -5.94 -3.25
CA TYR A 277 9.93 -5.05 -2.60
C TYR A 277 9.82 -3.75 -3.41
N GLY A 278 10.83 -3.19 -4.04
CA GLY A 278 10.58 -1.92 -4.75
C GLY A 278 9.72 -0.95 -3.99
N PHE A 279 8.57 -0.49 -4.50
CA PHE A 279 7.83 0.67 -3.88
C PHE A 279 7.22 0.33 -2.52
N LEU A 280 7.17 -0.93 -2.22
CA LEU A 280 6.56 -1.45 -0.99
C LEU A 280 7.59 -2.03 -0.02
N LEU A 281 8.67 -1.28 0.12
CA LEU A 281 9.76 -1.60 1.03
C LEU A 281 9.19 -1.82 2.40
N PRO A 282 9.28 -2.97 3.02
CA PRO A 282 8.72 -3.17 4.41
C PRO A 282 9.25 -2.19 5.44
N ALA A 283 8.59 -1.76 6.46
CA ALA A 283 8.83 -0.80 7.48
C ALA A 283 10.07 -1.07 8.29
N SER A 284 10.39 -2.33 8.46
CA SER A 284 11.59 -2.82 9.16
C SER A 284 12.87 -2.37 8.49
N GLN A 285 12.74 -1.88 7.29
CA GLN A 285 13.80 -1.33 6.44
C GLN A 285 13.98 0.19 6.40
N ILE A 286 13.37 1.02 7.21
CA ILE A 286 13.48 2.44 7.27
C ILE A 286 14.66 2.96 8.06
N ILE A 287 14.84 2.51 9.31
CA ILE A 287 15.93 3.03 10.13
C ILE A 287 17.24 2.75 9.40
N PRO A 288 17.51 1.52 9.03
CA PRO A 288 18.64 1.12 8.26
C PRO A 288 18.95 1.98 7.06
N THR A 289 18.01 1.99 6.11
CA THR A 289 18.02 2.88 4.97
C THR A 289 18.35 4.33 5.39
N ALA A 290 17.68 4.94 6.32
CA ALA A 290 17.93 6.29 6.79
C ALA A 290 19.33 6.49 7.36
N GLN A 291 19.79 5.64 8.23
CA GLN A 291 21.14 5.67 8.77
C GLN A 291 22.20 5.55 7.69
N GLU A 292 22.07 4.68 6.70
CA GLU A 292 23.15 4.55 5.70
C GLU A 292 23.15 5.80 4.81
N THR A 293 21.96 6.06 4.28
CA THR A 293 21.69 7.18 3.38
C THR A 293 22.06 8.53 3.97
N TRP A 294 22.14 8.62 5.31
CA TRP A 294 22.62 9.83 5.97
C TRP A 294 24.14 9.83 5.88
N LEU A 295 24.84 8.72 6.06
CA LEU A 295 26.33 8.69 5.97
C LEU A 295 26.89 9.24 4.64
N GLY A 296 26.08 9.05 3.61
CA GLY A 296 26.16 9.48 2.29
C GLY A 296 25.76 10.91 2.07
N VAL A 297 24.72 11.42 2.75
CA VAL A 297 24.38 12.84 2.49
C VAL A 297 25.42 13.71 3.19
N LEU A 298 25.95 13.14 4.27
CA LEU A 298 26.91 13.70 5.20
C LEU A 298 28.26 13.94 4.49
N THR A 299 28.59 12.97 3.70
CA THR A 299 29.80 12.98 2.91
C THR A 299 29.71 14.17 1.98
N ILE A 300 28.53 14.35 1.39
CA ILE A 300 28.40 15.30 0.27
C ILE A 300 28.50 16.72 0.80
N MET A 301 28.11 16.81 2.06
CA MET A 301 28.13 18.07 2.85
C MET A 301 29.53 18.49 3.28
N GLU A 302 30.29 17.56 3.85
CA GLU A 302 31.66 17.87 4.29
C GLU A 302 32.32 18.43 3.04
N HIS A 303 32.06 17.70 1.95
CA HIS A 303 32.63 18.08 0.66
C HIS A 303 32.17 19.51 0.39
N THR A 304 30.91 19.81 0.56
CA THR A 304 30.31 21.12 0.24
C THR A 304 30.93 22.23 1.04
N VAL A 305 31.31 21.89 2.25
CA VAL A 305 31.96 22.94 3.18
C VAL A 305 33.44 23.10 2.82
N ASN A 306 34.16 22.01 2.59
CA ASN A 306 35.53 21.91 2.11
C ASN A 306 35.90 22.67 0.84
N ASN A 307 34.87 23.06 0.07
CA ASN A 307 35.08 23.67 -1.24
C ASN A 307 33.82 24.33 -1.79
N GLX B 2 -1.43 -11.62 -16.52
CA GLX B 2 -2.50 -11.82 -15.55
C GLX B 2 -2.22 -11.47 -14.08
N HIS B 3 -1.10 -11.70 -13.43
CA HIS B 3 -0.91 -11.44 -12.01
C HIS B 3 -0.16 -10.14 -11.72
N ALA B 4 0.25 -9.34 -12.65
CA ALA B 4 0.71 -7.96 -12.31
C ALA B 4 1.33 -7.40 -13.59
N ASP B 5 2.63 -7.68 -13.73
CA ASP B 5 3.35 -7.16 -14.84
C ASP B 5 4.24 -8.21 -15.49
N PRO B 6 3.62 -8.74 -16.52
CA PRO B 6 4.30 -9.83 -17.25
C PRO B 6 5.61 -9.28 -17.80
N ILE B 7 5.63 -8.03 -18.25
CA ILE B 7 6.76 -7.39 -18.94
C ILE B 7 7.94 -7.03 -18.03
N CYS B 8 7.70 -6.88 -16.76
CA CYS B 8 8.73 -6.48 -15.81
C CYS B 8 9.89 -7.45 -15.96
N ASN B 9 11.13 -7.11 -15.89
CA ASN B 9 12.22 -8.08 -15.94
C ASN B 9 12.37 -8.68 -17.33
N LYS B 10 11.72 -8.13 -18.31
CA LYS B 10 11.92 -8.55 -19.72
C LYS B 10 13.14 -7.84 -20.23
N PRO B 11 14.00 -8.49 -21.01
CA PRO B 11 15.17 -7.89 -21.66
C PRO B 11 14.68 -6.88 -22.71
N CYS B 12 15.16 -5.70 -22.46
CA CYS B 12 14.90 -4.41 -23.05
C CYS B 12 16.11 -3.93 -23.86
N LYS B 13 15.98 -2.86 -24.62
CA LYS B 13 16.99 -2.13 -25.36
C LYS B 13 16.58 -0.73 -25.78
N THR B 14 15.32 -0.39 -25.79
CA THR B 14 14.54 0.80 -26.01
C THR B 14 13.43 0.78 -24.91
N HIS B 15 12.67 1.82 -24.75
CA HIS B 15 11.53 1.75 -23.75
C HIS B 15 10.33 1.02 -24.36
N ASP B 16 10.58 0.86 -25.65
CA ASP B 16 9.67 0.42 -26.71
C ASP B 16 9.64 -1.09 -26.71
N ASP B 17 10.79 -1.68 -26.40
CA ASP B 17 10.94 -3.12 -26.33
C ASP B 17 10.34 -3.68 -25.07
N CYS B 18 9.59 -2.84 -24.36
CA CYS B 18 8.84 -3.11 -23.13
C CYS B 18 7.33 -3.10 -23.41
N SER B 19 6.80 -3.97 -24.28
CA SER B 19 5.39 -3.94 -24.80
C SER B 19 4.46 -3.10 -23.91
N GLY B 20 3.95 -3.52 -22.74
CA GLY B 20 3.15 -2.47 -22.01
C GLY B 20 2.61 -3.12 -20.75
N ALA B 21 3.45 -2.74 -19.80
CA ALA B 21 3.17 -3.45 -18.50
C ALA B 21 2.31 -2.61 -17.63
N TRP B 22 1.72 -1.48 -17.94
CA TRP B 22 1.16 -0.72 -16.76
C TRP B 22 2.23 -0.54 -15.67
N PHE B 23 3.10 -1.44 -15.34
CA PHE B 23 4.11 -1.20 -14.31
C PHE B 23 5.47 -0.96 -14.94
N CYS B 24 6.20 -1.98 -15.23
CA CYS B 24 7.52 -1.91 -15.80
C CYS B 24 7.58 -1.46 -17.26
N GLN B 25 7.72 -0.16 -17.44
CA GLN B 25 7.68 0.45 -18.79
C GLN B 25 8.86 1.35 -19.11
N ALA B 26 9.90 1.34 -18.29
CA ALA B 26 11.15 2.04 -18.53
C ALA B 26 12.23 0.97 -18.81
N CYS B 27 13.08 1.28 -19.75
CA CYS B 27 14.30 0.42 -19.87
C CYS B 27 15.33 1.01 -18.88
N TRP B 28 16.00 0.08 -18.23
CA TRP B 28 17.06 0.50 -17.28
C TRP B 28 18.36 0.29 -18.01
N ASN B 29 19.15 1.24 -18.35
CA ASN B 29 20.33 1.19 -19.16
C ASN B 29 21.50 0.77 -18.30
N SER B 30 21.24 -0.24 -17.52
CA SER B 30 22.27 -0.68 -16.57
C SER B 30 21.81 -2.00 -16.05
N ALA B 31 20.81 -2.68 -16.61
CA ALA B 31 20.29 -3.99 -16.17
C ALA B 31 19.25 -4.26 -17.27
N ARG B 32 19.55 -3.99 -18.48
CA ARG B 32 18.77 -3.78 -19.67
C ARG B 32 17.56 -4.73 -19.61
N THR B 33 16.62 -4.41 -18.75
CA THR B 33 15.47 -5.09 -18.25
C THR B 33 14.27 -4.17 -18.09
N CYS B 34 13.06 -4.30 -18.58
CA CYS B 34 11.89 -3.52 -18.13
C CYS B 34 11.67 -3.52 -16.60
N GLY B 35 11.59 -2.34 -16.04
CA GLY B 35 11.42 -2.00 -14.65
C GLY B 35 10.52 -0.76 -14.82
N PRO B 36 10.01 -0.27 -13.72
CA PRO B 36 9.12 0.88 -13.70
C PRO B 36 9.92 2.15 -13.61
N TYR B 37 9.39 3.34 -13.73
CA TYR B 37 10.15 4.58 -13.62
C TYR B 37 10.25 4.80 -12.11
N VAL B 38 11.40 5.02 -11.62
CA VAL B 38 11.70 5.33 -10.17
C VAL B 38 11.88 6.82 -10.04
N ALA C 1 -17.65 10.61 8.59
CA ALA C 1 -16.81 11.49 9.47
C ALA C 1 -17.42 11.86 10.85
N ARG C 2 -18.44 12.74 10.78
CA ARG C 2 -19.34 13.09 11.91
C ARG C 2 -20.76 12.47 11.46
N SER C 3 -20.77 11.82 10.29
CA SER C 3 -22.07 11.25 9.85
C SER C 3 -21.71 10.25 8.79
N THR C 4 -22.53 9.23 8.79
CA THR C 4 -22.43 8.12 7.85
C THR C 4 -22.85 8.65 6.48
N ASN C 5 -23.61 9.71 6.42
CA ASN C 5 -23.91 10.30 5.08
C ASN C 5 -22.68 11.03 4.51
N THR C 6 -21.80 11.35 5.39
CA THR C 6 -20.61 12.14 5.03
C THR C 6 -19.36 11.32 5.10
N PHE C 7 -19.48 10.07 5.55
CA PHE C 7 -18.28 9.21 5.54
C PHE C 7 -18.08 8.75 4.11
N ASN C 8 -16.82 8.85 3.68
CA ASN C 8 -16.44 8.68 2.24
C ASN C 8 -16.27 7.22 2.05
N TYR C 9 -17.17 6.56 1.38
CA TYR C 9 -17.13 5.13 1.02
C TYR C 9 -16.23 4.71 -0.12
N ALA C 10 -15.62 5.60 -0.87
CA ALA C 10 -14.83 5.40 -2.05
C ALA C 10 -13.34 5.80 -1.98
N THR C 11 -12.77 5.52 -0.86
CA THR C 11 -11.46 5.74 -0.30
C THR C 11 -11.16 4.53 0.54
N TYR C 12 -9.89 4.28 0.80
CA TYR C 12 -9.42 3.23 1.78
C TYR C 12 -9.16 3.99 3.11
N HIS C 13 -9.74 3.48 4.17
CA HIS C 13 -9.69 4.08 5.50
C HIS C 13 -8.77 3.32 6.39
N THR C 14 -8.64 3.66 7.67
CA THR C 14 -7.86 2.92 8.66
C THR C 14 -8.69 2.24 9.71
N LEU C 15 -8.06 1.39 10.53
CA LEU C 15 -8.74 0.81 11.67
C LEU C 15 -9.61 1.85 12.39
N ASP C 16 -8.97 2.88 12.86
CA ASP C 16 -9.58 3.98 13.64
C ASP C 16 -10.68 4.63 12.86
N GLU C 17 -10.57 4.69 11.55
CA GLU C 17 -11.65 5.35 10.80
C GLU C 17 -12.90 4.49 10.71
N ILE C 18 -12.78 3.22 10.74
CA ILE C 18 -13.74 2.16 10.70
C ILE C 18 -14.33 1.69 12.03
N TYR C 19 -13.58 1.66 13.08
CA TYR C 19 -14.11 1.31 14.44
C TYR C 19 -15.06 2.44 14.80
N ASP C 20 -14.84 3.56 14.20
CA ASP C 20 -15.46 4.85 14.35
C ASP C 20 -16.73 4.88 13.50
N PHE C 21 -16.63 4.50 12.29
CA PHE C 21 -17.85 4.52 11.42
C PHE C 21 -18.89 3.64 12.11
N MET C 22 -18.35 2.51 12.64
CA MET C 22 -19.24 1.50 13.25
C MET C 22 -19.98 2.27 14.34
N ASP C 23 -19.35 3.14 15.09
CA ASP C 23 -20.01 3.98 16.12
C ASP C 23 -21.04 5.00 15.57
N LEU C 24 -20.82 5.63 14.45
CA LEU C 24 -21.75 6.54 13.82
C LEU C 24 -22.99 5.73 13.45
N LEU C 25 -22.80 4.66 12.70
CA LEU C 25 -23.91 3.81 12.22
C LEU C 25 -24.87 3.53 13.38
N VAL C 26 -24.43 3.07 14.52
CA VAL C 26 -25.32 2.58 15.58
C VAL C 26 -26.10 3.76 16.12
N ALA C 27 -25.38 4.81 16.38
CA ALA C 27 -25.88 6.06 16.96
C ALA C 27 -26.97 6.60 16.03
N GLN C 28 -26.70 6.38 14.74
CA GLN C 28 -27.74 6.72 13.72
C GLN C 28 -28.93 5.79 13.73
N HIS C 29 -28.87 4.53 14.02
CA HIS C 29 -29.88 3.51 13.91
C HIS C 29 -29.79 2.51 15.03
N PRO C 30 -29.98 2.93 16.25
CA PRO C 30 -29.88 2.05 17.43
C PRO C 30 -30.99 1.00 17.50
N GLU C 31 -31.99 1.27 16.76
CA GLU C 31 -33.19 0.40 16.58
C GLU C 31 -32.95 -0.61 15.50
N LEU C 32 -32.02 -0.38 14.59
CA LEU C 32 -31.64 -1.39 13.57
C LEU C 32 -30.28 -2.00 13.93
N VAL C 33 -29.23 -1.30 14.25
CA VAL C 33 -27.94 -1.81 14.55
C VAL C 33 -27.55 -1.63 16.01
N SER C 34 -26.79 -2.63 16.43
CA SER C 34 -26.00 -2.91 17.60
C SER C 34 -24.51 -3.27 17.26
N LYS C 35 -23.64 -2.86 18.15
CA LYS C 35 -22.19 -3.19 18.00
C LYS C 35 -21.80 -4.06 19.21
N LEU C 36 -21.45 -5.28 18.84
CA LEU C 36 -21.03 -6.39 19.67
C LEU C 36 -19.51 -6.63 19.67
N GLN C 37 -18.97 -6.74 20.83
CA GLN C 37 -17.56 -7.10 20.95
C GLN C 37 -17.50 -8.58 21.28
N ILE C 38 -17.10 -9.37 20.28
CA ILE C 38 -17.03 -10.82 20.54
C ILE C 38 -15.68 -11.28 21.03
N GLY C 39 -14.72 -10.40 21.24
CA GLY C 39 -13.36 -10.74 21.62
C GLY C 39 -12.45 -9.53 21.51
N ARG C 40 -11.21 -9.88 21.86
CA ARG C 40 -10.11 -8.87 21.92
C ARG C 40 -8.95 -9.43 21.11
N SER C 41 -8.33 -8.81 20.16
CA SER C 41 -7.28 -9.48 19.36
C SER C 41 -6.06 -9.91 20.18
N TYR C 42 -5.17 -10.49 19.42
CA TYR C 42 -3.93 -11.08 19.78
C TYR C 42 -3.16 -10.02 20.59
N GLU C 43 -2.95 -8.90 19.93
CA GLU C 43 -2.32 -7.71 20.41
C GLU C 43 -3.29 -6.68 20.98
N GLY C 44 -4.38 -7.09 21.65
CA GLY C 44 -5.34 -6.41 22.41
C GLY C 44 -6.48 -5.61 21.92
N ARG C 45 -6.57 -5.34 20.60
CA ARG C 45 -7.69 -4.66 19.96
C ARG C 45 -8.98 -5.46 20.04
N PRO C 46 -10.01 -4.72 20.33
CA PRO C 46 -11.36 -5.33 20.37
C PRO C 46 -11.75 -5.79 18.96
N ILE C 47 -12.39 -6.93 18.97
CA ILE C 47 -12.96 -7.47 17.73
C ILE C 47 -14.43 -7.08 17.80
N TYR C 48 -14.91 -6.35 16.83
CA TYR C 48 -16.33 -5.99 16.92
C TYR C 48 -17.20 -6.75 15.92
N VAL C 49 -18.35 -7.25 16.28
CA VAL C 49 -19.34 -7.75 15.33
C VAL C 49 -20.54 -6.77 15.44
N LEU C 50 -21.08 -6.38 14.32
CA LEU C 50 -22.24 -5.53 14.11
C LEU C 50 -23.51 -6.36 13.83
N LYS C 51 -24.48 -6.36 14.71
CA LYS C 51 -25.70 -7.18 14.47
C LYS C 51 -26.79 -6.27 13.97
N PHE C 52 -27.47 -6.57 12.90
CA PHE C 52 -28.56 -5.94 12.19
C PHE C 52 -29.79 -6.81 12.45
N SER C 53 -30.76 -6.26 13.10
CA SER C 53 -32.01 -6.84 13.57
C SER C 53 -33.23 -5.93 13.62
N THR C 54 -34.39 -6.57 13.36
CA THR C 54 -35.66 -5.75 13.51
C THR C 54 -36.33 -6.31 14.78
N GLY C 55 -35.54 -7.02 15.62
CA GLY C 55 -36.03 -7.57 16.88
C GLY C 55 -36.16 -9.08 16.85
N GLY C 56 -37.11 -9.61 17.60
CA GLY C 56 -37.49 -11.00 17.72
C GLY C 56 -36.63 -11.88 18.62
N SER C 57 -36.93 -13.20 18.49
CA SER C 57 -36.27 -14.26 19.35
C SER C 57 -34.75 -14.38 19.35
N ASN C 58 -34.19 -15.39 18.77
CA ASN C 58 -32.83 -15.78 18.48
C ASN C 58 -32.98 -16.17 16.99
N ARG C 59 -33.52 -15.17 16.34
CA ARG C 59 -33.85 -15.40 14.92
C ARG C 59 -32.59 -16.00 14.31
N PRO C 60 -32.84 -16.82 13.30
CA PRO C 60 -31.85 -17.37 12.40
C PRO C 60 -31.06 -16.16 11.83
N ALA C 61 -29.74 -16.23 11.96
CA ALA C 61 -28.89 -15.17 11.51
C ALA C 61 -28.07 -15.72 10.33
N ILE C 62 -27.59 -14.80 9.54
CA ILE C 62 -26.73 -14.87 8.40
C ILE C 62 -25.30 -14.51 8.79
N TRP C 63 -24.26 -15.26 8.59
CA TRP C 63 -23.01 -14.57 9.09
C TRP C 63 -22.22 -14.14 7.86
N ILE C 64 -21.70 -12.89 7.86
CA ILE C 64 -20.75 -12.40 6.88
C ILE C 64 -19.47 -11.82 7.55
N ASP C 65 -18.35 -12.38 7.22
CA ASP C 65 -17.01 -11.97 7.66
C ASP C 65 -16.18 -11.33 6.54
N LEU C 66 -15.41 -10.34 6.97
CA LEU C 66 -14.46 -9.68 5.98
C LEU C 66 -13.09 -9.57 6.65
N GLY C 67 -11.99 -9.42 5.97
CA GLY C 67 -10.66 -9.34 6.39
C GLY C 67 -9.98 -10.36 7.25
N ILE C 68 -10.30 -11.65 7.29
CA ILE C 68 -9.51 -12.73 7.95
C ILE C 68 -8.04 -12.56 7.53
N HIS C 69 -7.84 -12.00 6.30
CA HIS C 69 -6.59 -11.65 5.65
C HIS C 69 -6.39 -10.17 5.30
N SER C 70 -5.51 -9.52 6.06
CA SER C 70 -5.39 -8.09 6.10
C SER C 70 -5.07 -7.35 4.82
N ARG C 71 -4.26 -7.89 3.95
CA ARG C 71 -3.76 -7.34 2.71
C ARG C 71 -4.84 -7.16 1.67
N GLU C 72 -5.86 -8.01 1.85
CA GLU C 72 -7.00 -8.13 0.96
C GLU C 72 -7.96 -6.99 1.19
N TRP C 73 -7.52 -5.76 1.11
CA TRP C 73 -8.20 -4.46 1.53
C TRP C 73 -9.60 -4.26 1.00
N ILE C 74 -10.05 -4.55 -0.18
CA ILE C 74 -11.37 -4.33 -0.72
C ILE C 74 -12.55 -4.97 0.03
N THR C 75 -12.28 -5.86 0.95
CA THR C 75 -13.24 -6.64 1.71
C THR C 75 -13.64 -5.86 2.94
N GLN C 76 -12.69 -5.11 3.49
CA GLN C 76 -12.99 -4.34 4.70
C GLN C 76 -13.88 -3.22 4.24
N ALA C 77 -13.62 -2.72 3.09
CA ALA C 77 -14.15 -1.57 2.37
C ALA C 77 -15.49 -1.85 1.68
N THR C 78 -15.76 -3.03 1.23
CA THR C 78 -17.00 -3.64 0.87
C THR C 78 -17.90 -3.83 2.11
N GLY C 79 -17.21 -4.17 3.18
CA GLY C 79 -17.65 -4.38 4.53
C GLY C 79 -18.37 -3.15 5.09
N VAL C 80 -17.77 -1.99 5.14
CA VAL C 80 -18.27 -0.67 5.40
C VAL C 80 -19.49 -0.25 4.54
N TRP C 81 -19.48 -0.58 3.26
CA TRP C 81 -20.59 -0.35 2.32
C TRP C 81 -21.79 -1.24 2.64
N PHE C 82 -21.61 -2.51 2.90
CA PHE C 82 -22.72 -3.37 3.39
C PHE C 82 -23.35 -2.76 4.63
N ALA C 83 -22.64 -2.47 5.70
CA ALA C 83 -23.27 -1.84 6.87
C ALA C 83 -24.11 -0.64 6.42
N LYS C 84 -23.48 0.24 5.65
CA LYS C 84 -24.20 1.45 5.22
C LYS C 84 -25.47 0.99 4.50
N LYS C 85 -25.32 0.17 3.49
CA LYS C 85 -26.44 -0.32 2.71
C LYS C 85 -27.46 -1.08 3.50
N PHE C 86 -27.21 -1.89 4.47
CA PHE C 86 -28.31 -2.53 5.27
C PHE C 86 -29.26 -1.46 5.77
N THR C 87 -28.68 -0.52 6.49
CA THR C 87 -29.36 0.58 7.12
C THR C 87 -30.22 1.35 6.16
N GLU C 88 -29.94 1.43 4.85
CA GLU C 88 -30.72 2.24 3.93
C GLU C 88 -31.81 1.51 3.18
N ASN C 89 -31.62 0.27 2.97
CA ASN C 89 -32.49 -0.53 2.11
C ASN C 89 -33.64 -1.03 2.98
N TYR C 90 -33.39 -1.14 4.27
CA TYR C 90 -34.44 -1.58 5.18
C TYR C 90 -35.65 -0.61 5.05
N GLY C 91 -36.79 -1.29 4.84
CA GLY C 91 -38.07 -0.62 4.65
C GLY C 91 -38.10 -0.02 3.25
N GLN C 92 -37.10 -0.02 2.43
CA GLN C 92 -37.02 0.60 1.11
C GLN C 92 -37.33 -0.51 0.06
N ASN C 93 -36.47 -1.50 0.12
CA ASN C 93 -36.48 -2.72 -0.65
C ASN C 93 -37.15 -3.82 0.20
N PRO C 94 -38.27 -4.24 -0.38
CA PRO C 94 -39.17 -5.28 0.16
C PRO C 94 -38.42 -6.59 0.40
N SER C 95 -37.57 -6.83 -0.61
CA SER C 95 -36.74 -8.05 -0.55
C SER C 95 -35.89 -7.96 0.72
N PHE C 96 -35.02 -6.93 0.66
CA PHE C 96 -34.07 -6.67 1.75
C PHE C 96 -34.95 -6.52 3.03
N THR C 97 -35.98 -5.70 3.07
CA THR C 97 -36.75 -5.67 4.34
C THR C 97 -37.38 -7.02 4.70
N ALA C 98 -37.91 -7.83 3.85
CA ALA C 98 -38.48 -9.15 4.14
C ALA C 98 -37.64 -10.01 5.09
N ILE C 99 -36.38 -10.13 4.71
CA ILE C 99 -35.20 -10.77 5.25
C ILE C 99 -34.85 -10.18 6.63
N LEU C 100 -34.76 -8.90 6.84
CA LEU C 100 -34.48 -8.35 8.18
C LEU C 100 -35.66 -8.48 9.16
N ASP C 101 -36.78 -8.76 8.57
CA ASP C 101 -38.09 -8.97 9.17
C ASP C 101 -38.24 -10.44 9.54
N SER C 102 -37.28 -11.27 9.26
CA SER C 102 -37.22 -12.69 9.56
C SER C 102 -35.84 -13.14 10.10
N MET C 103 -34.73 -12.57 9.71
CA MET C 103 -33.39 -13.04 10.05
C MET C 103 -32.58 -11.85 10.56
N ASP C 104 -31.63 -12.21 11.41
CA ASP C 104 -30.67 -11.19 11.92
C ASP C 104 -29.40 -11.30 11.05
N ILE C 105 -28.72 -10.20 10.84
CA ILE C 105 -27.47 -10.34 10.04
C ILE C 105 -26.33 -9.90 11.02
N PHE C 106 -25.26 -10.65 10.91
CA PHE C 106 -24.03 -10.47 11.63
C PHE C 106 -22.84 -10.22 10.69
N LEU C 107 -22.43 -8.98 10.75
CA LEU C 107 -21.42 -8.33 9.97
C LEU C 107 -20.11 -8.03 10.70
N GLU C 108 -19.08 -8.62 10.18
CA GLU C 108 -17.69 -8.47 10.69
C GLU C 108 -16.69 -8.21 9.55
N ILE C 109 -16.34 -6.96 9.53
CA ILE C 109 -15.61 -6.13 8.62
C ILE C 109 -14.10 -6.25 8.72
N VAL C 110 -13.56 -6.30 9.91
CA VAL C 110 -12.17 -6.46 10.26
C VAL C 110 -12.12 -7.61 11.28
N THR C 111 -12.05 -8.83 10.75
CA THR C 111 -11.94 -10.11 11.43
C THR C 111 -10.53 -10.27 11.98
N ASN C 112 -9.61 -9.75 11.22
CA ASN C 112 -8.17 -9.66 11.53
C ASN C 112 -7.69 -8.19 11.54
N PRO C 113 -7.87 -7.58 12.74
CA PRO C 113 -7.60 -6.22 13.09
C PRO C 113 -6.13 -5.86 13.25
N ASN C 114 -5.31 -6.69 13.87
CA ASN C 114 -3.90 -6.76 14.06
C ASN C 114 -3.10 -6.67 12.76
N GLY C 115 -3.38 -7.58 11.88
CA GLY C 115 -2.87 -7.74 10.49
C GLY C 115 -3.28 -6.55 9.63
N PHE C 116 -4.50 -6.14 9.59
CA PHE C 116 -4.91 -4.89 8.93
C PHE C 116 -4.11 -3.65 9.36
N ALA C 117 -3.98 -3.27 10.61
CA ALA C 117 -3.20 -2.12 11.01
C ALA C 117 -1.74 -2.34 10.56
N PHE C 118 -1.28 -3.56 10.46
CA PHE C 118 0.05 -3.96 10.05
C PHE C 118 0.32 -3.60 8.60
N THR C 119 -0.73 -3.68 7.80
CA THR C 119 -0.69 -3.40 6.38
C THR C 119 -0.56 -1.91 6.05
N HIS C 120 -0.80 -1.12 7.07
CA HIS C 120 -0.90 0.35 7.06
C HIS C 120 0.45 0.95 7.41
N SER C 121 1.03 0.50 8.52
CA SER C 121 2.27 1.12 9.04
C SER C 121 3.57 0.43 8.75
N GLU C 122 3.59 -0.73 8.26
CA GLU C 122 4.67 -1.63 8.09
C GLU C 122 4.78 -2.34 6.76
N ASN C 123 3.90 -3.27 6.49
CA ASN C 123 3.88 -4.08 5.27
C ASN C 123 2.48 -4.23 4.78
N ARG C 124 2.23 -3.75 3.61
CA ARG C 124 0.88 -3.73 2.95
C ARG C 124 0.34 -5.10 2.51
N LEU C 125 1.30 -6.05 2.47
CA LEU C 125 1.12 -7.38 1.94
C LEU C 125 1.14 -8.49 3.01
N TRP C 126 0.96 -8.02 4.24
CA TRP C 126 0.82 -8.94 5.36
C TRP C 126 -0.50 -9.68 5.15
N ARG C 127 -0.57 -11.01 5.21
CA ARG C 127 -1.79 -11.78 5.20
C ARG C 127 -2.12 -12.44 6.54
N LYS C 128 -1.23 -12.57 7.51
CA LYS C 128 -1.49 -13.40 8.71
C LYS C 128 -1.70 -12.54 9.93
N THR C 129 -2.10 -13.14 11.06
CA THR C 129 -2.30 -12.34 12.27
C THR C 129 -0.93 -12.04 12.84
N ARG C 130 -0.84 -11.49 14.05
CA ARG C 130 0.44 -11.03 14.59
C ARG C 130 0.80 -11.71 15.89
N SER C 131 0.40 -12.95 15.95
CA SER C 131 0.77 -13.86 17.06
C SER C 131 2.26 -14.23 16.89
N VAL C 132 2.93 -14.08 18.02
CA VAL C 132 4.31 -14.43 18.44
C VAL C 132 4.15 -15.75 19.19
N THR C 133 5.09 -16.42 19.80
CA THR C 133 4.95 -17.83 20.13
C THR C 133 5.16 -18.70 18.85
N SER C 134 5.85 -19.77 19.26
CA SER C 134 6.34 -20.74 18.21
C SER C 134 7.80 -21.00 18.53
N SER C 135 8.39 -22.02 17.79
CA SER C 135 9.93 -22.12 17.95
C SER C 135 10.31 -21.05 16.90
N SER C 136 9.91 -19.80 17.30
CA SER C 136 9.76 -18.68 16.38
C SER C 136 10.12 -17.30 16.87
N LEU C 137 10.72 -16.63 15.99
CA LEU C 137 11.42 -15.72 15.22
C LEU C 137 10.63 -15.18 14.02
N CYS C 138 9.53 -15.92 13.76
CA CYS C 138 8.44 -16.07 12.85
C CYS C 138 7.09 -15.92 13.56
N VAL C 139 6.33 -14.86 13.16
CA VAL C 139 5.03 -14.54 13.81
C VAL C 139 3.91 -14.71 12.76
N GLY C 140 2.75 -15.00 13.35
CA GLY C 140 1.49 -15.09 12.70
C GLY C 140 1.03 -16.37 12.08
N VAL C 141 -0.22 -16.65 12.08
CA VAL C 141 -0.93 -17.76 11.54
C VAL C 141 -1.83 -17.32 10.39
N ASP C 142 -1.89 -18.16 9.32
CA ASP C 142 -2.90 -17.97 8.25
C ASP C 142 -4.22 -18.23 8.94
N ALA C 143 -5.03 -17.28 9.33
CA ALA C 143 -6.24 -17.63 10.10
C ALA C 143 -7.27 -18.40 9.24
N ASN C 144 -7.06 -18.56 7.97
CA ASN C 144 -8.02 -19.31 7.15
C ASN C 144 -7.50 -20.75 6.84
N ARG C 145 -6.57 -21.10 7.67
CA ARG C 145 -5.93 -22.39 7.87
C ARG C 145 -5.87 -22.76 9.35
N ASN C 146 -6.76 -22.33 10.25
CA ASN C 146 -6.81 -22.54 11.70
C ASN C 146 -8.06 -23.19 12.31
N TRP C 147 -9.16 -23.18 11.61
CA TRP C 147 -10.48 -23.69 11.93
C TRP C 147 -10.38 -25.20 11.94
N ASP C 148 -11.30 -25.84 12.58
CA ASP C 148 -11.34 -27.26 12.80
C ASP C 148 -12.23 -27.94 11.77
N ALA C 149 -11.62 -28.15 10.62
CA ALA C 149 -12.09 -28.66 9.36
C ALA C 149 -10.88 -29.20 8.64
N GLY C 150 -10.46 -30.46 8.94
CA GLY C 150 -9.30 -31.07 8.20
C GLY C 150 -8.03 -30.27 8.56
N PHE C 151 -8.11 -29.68 9.73
CA PHE C 151 -7.10 -28.85 10.31
C PHE C 151 -5.75 -29.52 10.05
N GLY C 152 -4.77 -28.70 9.71
CA GLY C 152 -3.38 -29.16 9.71
C GLY C 152 -3.02 -30.26 8.77
N LYS C 153 -3.93 -30.57 7.90
CA LYS C 153 -3.74 -31.51 6.80
C LYS C 153 -3.29 -30.71 5.58
N ALA C 154 -3.02 -31.38 4.45
CA ALA C 154 -2.47 -30.70 3.27
C ALA C 154 -3.44 -29.59 2.86
N GLY C 155 -2.75 -28.54 2.51
CA GLY C 155 -3.40 -27.25 2.21
C GLY C 155 -3.04 -26.19 3.25
N ALA C 156 -2.34 -26.58 4.30
CA ALA C 156 -1.82 -25.77 5.37
C ALA C 156 -0.42 -26.30 5.65
N SER C 157 0.48 -25.34 5.74
CA SER C 157 1.89 -25.47 6.05
C SER C 157 2.18 -25.61 7.54
N SER C 158 3.15 -26.44 7.85
CA SER C 158 3.58 -26.64 9.24
C SER C 158 4.67 -25.64 9.58
N SER C 159 5.28 -24.90 8.70
CA SER C 159 6.29 -24.00 9.33
C SER C 159 5.71 -22.59 9.49
N PRO C 160 6.11 -22.04 10.63
CA PRO C 160 5.66 -20.77 11.15
C PRO C 160 6.01 -19.58 10.35
N CYS C 161 7.04 -19.57 9.59
CA CYS C 161 7.35 -18.46 8.68
C CYS C 161 6.48 -18.48 7.46
N SER C 162 5.69 -19.55 7.37
CA SER C 162 4.83 -19.81 6.22
C SER C 162 3.68 -18.79 6.12
N GLU C 163 3.33 -18.56 4.85
CA GLU C 163 2.12 -17.76 4.57
C GLU C 163 0.83 -18.48 4.89
N THR C 164 0.87 -19.78 4.64
CA THR C 164 -0.21 -20.71 4.94
C THR C 164 -0.12 -21.53 6.20
N TYR C 165 0.66 -21.12 7.10
CA TYR C 165 1.00 -21.61 8.40
C TYR C 165 -0.32 -21.67 9.13
N HIS C 166 -0.65 -22.69 9.83
CA HIS C 166 -1.92 -23.01 10.46
C HIS C 166 -1.91 -22.84 11.96
N GLY C 167 -0.85 -22.44 12.63
CA GLY C 167 -1.11 -22.23 14.12
C GLY C 167 -0.83 -23.57 14.73
N LYS C 168 -0.78 -23.70 16.01
CA LYS C 168 -0.32 -24.97 16.62
C LYS C 168 -1.42 -26.00 16.84
N TYR C 169 -2.62 -25.43 16.82
CA TYR C 169 -3.86 -26.18 16.98
C TYR C 169 -4.96 -25.27 16.43
N ALA C 170 -6.06 -25.88 16.08
CA ALA C 170 -7.28 -25.28 15.57
C ALA C 170 -7.87 -24.28 16.55
N ASN C 171 -8.34 -23.15 16.09
CA ASN C 171 -8.80 -22.07 16.96
C ASN C 171 -7.74 -21.57 17.94
N SER C 172 -6.51 -21.95 17.78
CA SER C 172 -5.49 -21.43 18.71
C SER C 172 -5.58 -19.89 18.76
N GLU C 173 -5.90 -19.36 17.58
CA GLU C 173 -6.00 -17.92 17.26
C GLU C 173 -7.29 -17.39 17.84
N VAL C 174 -7.19 -16.32 18.61
CA VAL C 174 -8.33 -15.76 19.34
C VAL C 174 -9.32 -15.04 18.44
N GLU C 175 -8.82 -14.60 17.32
CA GLU C 175 -9.59 -13.91 16.30
C GLU C 175 -10.54 -14.96 15.73
N VAL C 176 -10.01 -16.19 15.68
CA VAL C 176 -10.68 -17.37 15.17
C VAL C 176 -11.55 -18.05 16.23
N LYS C 177 -11.18 -18.14 17.43
CA LYS C 177 -11.97 -18.65 18.55
C LYS C 177 -13.19 -17.76 18.82
N SER C 178 -13.07 -16.46 18.82
CA SER C 178 -14.21 -15.55 19.04
C SER C 178 -15.44 -15.96 18.24
N ILE C 179 -15.35 -16.04 16.93
CA ILE C 179 -16.34 -16.31 15.94
C ILE C 179 -16.95 -17.69 16.28
N VAL C 180 -16.02 -18.65 16.32
CA VAL C 180 -16.41 -20.02 16.59
C VAL C 180 -17.30 -20.19 17.82
N ASP C 181 -17.02 -19.74 18.99
CA ASP C 181 -17.71 -19.84 20.26
C ASP C 181 -19.11 -19.24 20.20
N PHE C 182 -19.07 -18.15 19.51
CA PHE C 182 -20.04 -17.14 19.13
C PHE C 182 -20.98 -17.76 18.14
N VAL C 183 -20.46 -18.23 17.06
CA VAL C 183 -21.32 -18.90 16.09
C VAL C 183 -21.99 -20.08 16.80
N LYS C 184 -21.21 -20.77 17.59
CA LYS C 184 -21.57 -21.99 18.27
C LYS C 184 -22.54 -21.88 19.45
N ASN C 185 -22.69 -20.69 20.02
CA ASN C 185 -23.57 -20.38 21.12
C ASN C 185 -25.01 -20.05 20.63
N HIS C 186 -24.92 -19.26 19.61
CA HIS C 186 -26.11 -18.71 19.00
C HIS C 186 -26.98 -19.88 18.55
N GLY C 187 -26.38 -20.75 17.81
CA GLY C 187 -26.84 -21.96 17.21
C GLY C 187 -27.90 -21.86 16.12
N ASN C 188 -28.09 -20.64 15.65
CA ASN C 188 -29.15 -20.36 14.69
C ASN C 188 -28.63 -19.63 13.48
N PHE C 189 -27.47 -20.06 13.06
CA PHE C 189 -26.76 -19.60 11.83
C PHE C 189 -27.27 -20.49 10.72
N LYS C 190 -27.95 -19.94 9.69
CA LYS C 190 -28.35 -20.82 8.58
C LYS C 190 -27.55 -20.47 7.31
N ALA C 191 -26.68 -19.52 7.37
CA ALA C 191 -25.74 -19.00 6.40
C ALA C 191 -24.40 -18.54 7.01
N PHE C 192 -23.35 -18.77 6.21
CA PHE C 192 -21.98 -18.29 6.56
C PHE C 192 -21.26 -17.98 5.25
N LEU C 193 -20.92 -16.73 5.02
CA LEU C 193 -20.21 -16.22 3.85
C LEU C 193 -18.88 -15.60 4.34
N SER C 194 -17.80 -15.90 3.62
CA SER C 194 -16.49 -15.29 3.91
C SER C 194 -15.96 -14.58 2.64
N ILE C 195 -15.71 -13.32 2.75
CA ILE C 195 -15.22 -12.47 1.68
C ILE C 195 -13.67 -12.37 1.77
N HIS C 196 -13.13 -12.56 0.57
CA HIS C 196 -11.71 -12.62 0.30
C HIS C 196 -11.47 -11.83 -0.96
N SER C 197 -10.23 -11.63 -1.33
CA SER C 197 -9.76 -10.88 -2.51
C SER C 197 -8.62 -11.67 -3.14
N TYR C 198 -8.44 -11.73 -4.43
CA TYR C 198 -9.16 -11.21 -5.56
C TYR C 198 -9.39 -12.34 -6.52
N SER C 199 -10.18 -12.28 -7.56
CA SER C 199 -10.17 -13.31 -8.62
C SER C 199 -11.56 -13.61 -9.18
N GLN C 200 -12.53 -13.16 -8.50
CA GLN C 200 -13.89 -13.33 -9.08
C GLN C 200 -14.20 -14.80 -9.21
N LEU C 201 -14.54 -15.40 -8.07
CA LEU C 201 -14.92 -16.76 -7.79
C LEU C 201 -15.93 -16.78 -6.63
N LEU C 202 -16.94 -17.56 -6.72
CA LEU C 202 -17.92 -17.83 -5.61
C LEU C 202 -17.71 -19.31 -5.25
N LEU C 203 -17.15 -19.68 -4.14
CA LEU C 203 -16.71 -20.96 -3.67
C LEU C 203 -17.55 -21.50 -2.51
N TYR C 204 -17.78 -22.80 -2.51
CA TYR C 204 -18.46 -23.62 -1.50
C TYR C 204 -17.51 -24.77 -1.11
N PRO C 205 -17.82 -25.39 0.00
CA PRO C 205 -16.99 -26.53 0.46
C PRO C 205 -16.78 -27.60 -0.59
N TYR C 206 -15.72 -28.40 -0.50
CA TYR C 206 -14.68 -28.40 0.54
C TYR C 206 -13.32 -27.91 -0.04
N GLY C 207 -12.40 -27.66 0.88
CA GLY C 207 -11.08 -27.14 0.62
C GLY C 207 -9.95 -28.14 0.85
N TYR C 208 -10.14 -28.97 1.86
CA TYR C 208 -9.14 -29.93 2.30
C TYR C 208 -9.32 -31.35 1.83
N THR C 209 -10.37 -31.62 1.07
CA THR C 209 -10.79 -32.91 0.55
C THR C 209 -11.55 -32.83 -0.76
N THR C 210 -11.66 -33.94 -1.44
CA THR C 210 -12.19 -34.23 -2.76
C THR C 210 -13.63 -34.72 -2.69
N GLN C 211 -13.87 -35.38 -1.60
CA GLN C 211 -15.23 -35.80 -1.32
C GLN C 211 -16.01 -34.49 -1.49
N SER C 212 -17.25 -34.71 -1.95
CA SER C 212 -18.19 -33.66 -2.31
C SER C 212 -19.36 -33.58 -1.33
N ILE C 213 -19.70 -32.38 -0.94
CA ILE C 213 -20.80 -32.07 -0.07
C ILE C 213 -22.09 -32.67 -0.58
N PRO C 214 -22.85 -33.31 0.31
CA PRO C 214 -24.24 -33.72 0.04
C PRO C 214 -25.03 -32.62 -0.64
N ASP C 215 -25.12 -31.42 -0.15
CA ASP C 215 -25.80 -30.25 -0.68
C ASP C 215 -25.07 -29.58 -1.82
N LYS C 216 -24.21 -30.25 -2.50
CA LYS C 216 -23.48 -29.97 -3.66
C LYS C 216 -24.28 -29.39 -4.82
N THR C 217 -25.40 -30.02 -5.08
CA THR C 217 -26.38 -29.60 -6.08
C THR C 217 -26.98 -28.24 -5.84
N GLU C 218 -27.34 -28.08 -4.55
CA GLU C 218 -28.14 -26.92 -4.14
C GLU C 218 -27.25 -25.69 -4.31
N LEU C 219 -26.09 -25.90 -3.73
CA LEU C 219 -25.09 -24.80 -3.55
C LEU C 219 -24.61 -24.43 -4.95
N ASN C 220 -24.51 -25.41 -5.85
CA ASN C 220 -24.02 -25.15 -7.18
C ASN C 220 -24.94 -24.17 -7.84
N GLN C 221 -26.18 -24.57 -7.84
CA GLN C 221 -27.24 -23.70 -8.42
C GLN C 221 -27.33 -22.36 -7.73
N VAL C 222 -27.39 -22.30 -6.39
CA VAL C 222 -27.47 -20.94 -5.79
C VAL C 222 -26.22 -20.16 -6.23
N ALA C 223 -25.11 -20.88 -6.27
CA ALA C 223 -23.84 -20.32 -6.69
C ALA C 223 -24.08 -19.83 -8.11
N LYS C 224 -24.75 -20.71 -8.85
CA LYS C 224 -24.95 -20.42 -10.27
C LYS C 224 -25.68 -19.09 -10.36
N SER C 225 -26.80 -19.04 -9.71
CA SER C 225 -27.73 -17.94 -9.63
C SER C 225 -27.12 -16.61 -9.18
N ALA C 226 -26.38 -16.79 -8.09
CA ALA C 226 -25.69 -15.68 -7.40
C ALA C 226 -24.56 -15.10 -8.23
N VAL C 227 -23.79 -15.81 -8.98
CA VAL C 227 -22.76 -15.30 -9.91
C VAL C 227 -23.39 -14.58 -11.06
N ALA C 228 -24.61 -15.00 -11.47
CA ALA C 228 -25.46 -14.45 -12.53
C ALA C 228 -25.82 -12.98 -12.25
N ALA C 229 -26.34 -12.79 -11.03
CA ALA C 229 -26.83 -11.56 -10.50
C ALA C 229 -25.77 -10.53 -10.28
N LEU C 230 -24.55 -10.93 -10.06
CA LEU C 230 -23.46 -9.94 -9.75
C LEU C 230 -22.94 -9.24 -11.00
N LYS C 231 -23.18 -9.96 -12.06
CA LYS C 231 -22.73 -9.75 -13.42
C LYS C 231 -23.65 -8.82 -14.14
N SER C 232 -24.70 -8.41 -13.57
CA SER C 232 -25.89 -7.73 -14.06
C SER C 232 -25.70 -6.24 -14.07
N LEU C 233 -24.80 -5.82 -13.23
CA LEU C 233 -24.53 -4.42 -12.92
C LEU C 233 -23.41 -3.84 -13.74
N TYR C 234 -22.28 -4.61 -13.70
CA TYR C 234 -21.11 -4.15 -14.46
C TYR C 234 -20.63 -5.18 -15.43
N GLY C 235 -21.26 -6.31 -15.40
CA GLY C 235 -20.81 -7.41 -16.27
C GLY C 235 -19.62 -8.17 -15.76
N THR C 236 -19.28 -8.08 -14.46
CA THR C 236 -18.10 -8.83 -13.94
C THR C 236 -18.43 -10.30 -13.93
N SER C 237 -17.49 -11.03 -14.55
CA SER C 237 -17.70 -12.50 -14.70
C SER C 237 -16.79 -13.21 -13.71
N TYR C 238 -17.51 -14.11 -13.05
CA TYR C 238 -16.92 -14.93 -11.96
C TYR C 238 -16.84 -16.35 -12.40
N LYS C 239 -16.24 -17.17 -11.62
CA LYS C 239 -16.31 -18.66 -11.73
C LYS C 239 -16.73 -19.16 -10.38
N TYR C 240 -17.37 -20.32 -10.28
CA TYR C 240 -17.85 -20.91 -8.99
C TYR C 240 -17.73 -22.43 -8.98
N GLY C 241 -17.71 -23.05 -7.83
CA GLY C 241 -17.43 -24.44 -7.56
C GLY C 241 -16.78 -24.61 -6.19
N SER C 242 -16.42 -25.85 -5.86
CA SER C 242 -15.77 -26.15 -4.57
C SER C 242 -14.41 -25.39 -4.66
N ILE C 243 -13.83 -25.26 -3.49
CA ILE C 243 -12.51 -24.67 -3.40
C ILE C 243 -11.51 -25.66 -3.96
N ILE C 244 -11.52 -26.88 -3.45
CA ILE C 244 -10.48 -27.84 -3.82
C ILE C 244 -10.42 -27.89 -5.34
N THR C 245 -11.59 -27.75 -5.91
CA THR C 245 -11.83 -27.81 -7.38
C THR C 245 -11.37 -26.60 -8.17
N THR C 246 -11.58 -25.36 -7.69
CA THR C 246 -11.32 -24.16 -8.46
C THR C 246 -10.19 -23.28 -8.03
N ILE C 247 -9.56 -23.32 -6.89
CA ILE C 247 -8.36 -22.59 -6.63
C ILE C 247 -7.28 -23.67 -6.25
N TYR C 248 -7.42 -24.18 -5.04
CA TYR C 248 -6.37 -25.02 -4.45
C TYR C 248 -6.86 -25.76 -3.20
N GLN C 249 -6.26 -26.94 -2.97
CA GLN C 249 -6.60 -27.67 -1.72
C GLN C 249 -6.17 -26.69 -0.62
N ALA C 250 -7.07 -26.51 0.33
CA ALA C 250 -6.76 -25.66 1.48
C ALA C 250 -7.30 -26.27 2.75
N SER C 251 -6.63 -27.11 3.50
CA SER C 251 -7.23 -27.62 4.74
C SER C 251 -7.54 -26.46 5.73
N GLY C 252 -8.36 -26.74 6.70
CA GLY C 252 -8.77 -25.87 7.73
C GLY C 252 -9.45 -24.57 7.33
N GLY C 253 -10.27 -24.47 6.25
CA GLY C 253 -10.77 -23.08 5.87
C GLY C 253 -12.09 -22.94 6.57
N SER C 254 -12.62 -21.78 6.63
CA SER C 254 -13.74 -21.21 7.40
C SER C 254 -15.12 -21.82 7.11
N ILE C 255 -15.37 -22.08 5.86
CA ILE C 255 -16.50 -22.58 5.11
C ILE C 255 -16.63 -24.07 5.32
N ASP C 256 -15.48 -24.69 5.34
CA ASP C 256 -15.24 -26.13 5.62
C ASP C 256 -15.85 -26.45 6.96
N TRP C 257 -15.35 -25.70 7.90
CA TRP C 257 -15.82 -25.83 9.27
C TRP C 257 -17.29 -25.55 9.47
N SER C 258 -17.79 -24.44 8.97
CA SER C 258 -19.18 -23.97 9.20
C SER C 258 -20.13 -25.01 8.55
N TYR C 259 -19.72 -25.47 7.41
CA TYR C 259 -20.44 -26.44 6.65
C TYR C 259 -20.66 -27.69 7.49
N ASN C 260 -19.64 -28.19 8.10
CA ASN C 260 -19.68 -29.45 8.89
C ASN C 260 -20.44 -29.27 10.23
N GLN C 261 -20.58 -28.04 10.63
CA GLN C 261 -21.36 -27.57 11.76
C GLN C 261 -22.84 -27.62 11.44
N GLY C 262 -23.19 -27.53 10.19
CA GLY C 262 -24.51 -27.61 9.61
C GLY C 262 -24.97 -26.33 8.98
N ILE C 263 -24.09 -25.37 8.82
CA ILE C 263 -24.33 -24.07 8.18
C ILE C 263 -24.25 -24.40 6.69
N LYS C 264 -25.38 -24.82 6.15
CA LYS C 264 -25.60 -25.26 4.77
C LYS C 264 -25.13 -24.22 3.77
N TYR C 265 -25.66 -22.99 3.86
CA TYR C 265 -25.27 -21.96 2.89
C TYR C 265 -23.98 -21.25 3.36
N SER C 266 -22.89 -21.99 3.17
CA SER C 266 -21.57 -21.55 3.48
C SER C 266 -20.82 -21.42 2.15
N PHE C 267 -20.52 -20.21 1.83
CA PHE C 267 -19.84 -19.73 0.62
C PHE C 267 -18.67 -18.78 0.87
N THR C 268 -17.63 -18.85 0.06
CA THR C 268 -16.49 -17.93 0.06
C THR C 268 -16.54 -17.22 -1.33
N PHE C 269 -16.45 -15.94 -1.30
CA PHE C 269 -16.39 -14.96 -2.34
C PHE C 269 -14.90 -14.53 -2.46
N GLU C 270 -14.38 -14.49 -3.65
CA GLU C 270 -13.06 -13.92 -3.93
C GLU C 270 -13.31 -12.64 -4.69
N LEU C 271 -13.13 -11.44 -4.25
CA LEU C 271 -13.60 -10.27 -5.05
C LEU C 271 -12.57 -9.95 -6.16
N ARG C 272 -12.93 -8.79 -6.66
CA ARG C 272 -12.07 -8.25 -7.80
C ARG C 272 -10.65 -8.11 -7.29
N ASP C 273 -9.78 -7.87 -8.16
CA ASP C 273 -9.29 -8.03 -9.44
C ASP C 273 -9.30 -9.49 -9.92
N THR C 274 -8.54 -9.82 -10.91
CA THR C 274 -8.12 -11.02 -11.52
C THR C 274 -6.56 -11.04 -11.50
N GLY C 275 -5.93 -9.98 -11.06
CA GLY C 275 -4.51 -9.82 -11.02
C GLY C 275 -3.88 -8.60 -11.57
N ARG C 276 -4.38 -7.70 -12.37
CA ARG C 276 -3.65 -6.54 -12.87
C ARG C 276 -3.11 -5.70 -11.70
N TYR C 277 -4.10 -5.57 -10.83
CA TYR C 277 -4.07 -4.87 -9.54
C TYR C 277 -4.10 -5.91 -8.41
N GLY C 278 -4.79 -7.03 -8.48
CA GLY C 278 -4.76 -7.92 -7.30
C GLY C 278 -4.90 -7.19 -5.98
N PHE C 279 -3.97 -7.30 -5.02
CA PHE C 279 -4.21 -6.80 -3.63
C PHE C 279 -4.30 -5.28 -3.53
N LEU C 280 -3.89 -4.61 -4.58
CA LEU C 280 -3.84 -3.15 -4.65
C LEU C 280 -4.87 -2.57 -5.63
N LEU C 281 -6.06 -3.14 -5.52
CA LEU C 281 -7.22 -2.71 -6.30
C LEU C 281 -7.40 -1.23 -6.12
N PRO C 282 -7.31 -0.39 -7.13
CA PRO C 282 -7.51 1.09 -6.95
C PRO C 282 -8.84 1.47 -6.32
N ALA C 283 -9.03 2.49 -5.55
CA ALA C 283 -10.14 2.98 -4.81
C ALA C 283 -11.37 3.24 -5.62
N SER C 284 -11.18 3.63 -6.86
CA SER C 284 -12.23 3.87 -7.86
C SER C 284 -13.05 2.63 -8.16
N GLN C 285 -12.54 1.51 -7.72
CA GLN C 285 -13.13 0.18 -7.84
C GLN C 285 -13.87 -0.38 -6.64
N ILE C 286 -14.18 0.31 -5.57
CA ILE C 286 -14.88 -0.11 -4.40
C ILE C 286 -16.39 -0.06 -4.51
N ILE C 287 -16.97 1.07 -4.93
CA ILE C 287 -18.43 1.16 -4.98
C ILE C 287 -18.93 0.07 -5.94
N PRO C 288 -18.43 0.01 -7.14
CA PRO C 288 -18.72 -1.02 -8.11
C PRO C 288 -18.71 -2.42 -7.59
N THR C 289 -17.51 -2.85 -7.14
CA THR C 289 -17.32 -4.10 -6.45
C THR C 289 -18.37 -4.31 -5.36
N ALA C 290 -18.60 -3.41 -4.44
CA ALA C 290 -19.58 -3.51 -3.38
C ALA C 290 -21.01 -3.67 -3.89
N GLN C 291 -21.45 -2.86 -4.82
CA GLN C 291 -22.75 -2.96 -5.45
C GLN C 291 -22.95 -4.30 -6.14
N GLU C 292 -22.00 -4.83 -6.87
CA GLU C 292 -22.25 -6.10 -7.58
C GLU C 292 -22.31 -7.24 -6.55
N THR C 293 -21.25 -7.28 -5.76
CA THR C 293 -21.06 -8.28 -4.71
C THR C 293 -22.20 -8.31 -3.69
N TRP C 294 -22.96 -7.23 -3.60
CA TRP C 294 -24.17 -7.22 -2.77
C TRP C 294 -25.27 -7.94 -3.54
N LEU C 295 -25.43 -7.74 -4.85
CA LEU C 295 -26.49 -8.43 -5.63
C LEU C 295 -26.47 -9.97 -5.52
N GLY C 296 -25.25 -10.46 -5.32
CA GLY C 296 -24.82 -11.76 -5.07
C GLY C 296 -25.00 -12.20 -3.63
N VAL C 297 -24.77 -11.34 -2.64
CA VAL C 297 -24.97 -11.84 -1.25
C VAL C 297 -26.48 -11.94 -1.01
N LEU C 298 -27.19 -11.06 -1.70
CA LEU C 298 -28.62 -10.83 -1.66
C LEU C 298 -29.38 -12.06 -2.18
N THR C 299 -28.82 -12.61 -3.23
CA THR C 299 -29.34 -13.78 -3.88
C THR C 299 -29.29 -14.90 -2.84
N ILE C 300 -28.17 -14.96 -2.13
CA ILE C 300 -27.90 -16.15 -1.30
C ILE C 300 -28.84 -16.16 -0.11
N MET C 301 -29.22 -14.94 0.24
CA MET C 301 -30.17 -14.65 1.35
C MET C 301 -31.61 -14.99 1.02
N GLU C 302 -32.08 -14.53 -0.13
CA GLU C 302 -33.47 -14.82 -0.55
C GLU C 302 -33.56 -16.34 -0.46
N HIS C 303 -32.50 -16.96 -1.00
CA HIS C 303 -32.44 -18.42 -1.05
C HIS C 303 -32.55 -18.87 0.40
N THR C 304 -31.80 -18.29 1.31
CA THR C 304 -31.74 -18.71 2.73
C THR C 304 -33.07 -18.62 3.41
N VAL C 305 -33.84 -17.62 2.98
CA VAL C 305 -35.24 -17.42 3.60
C VAL C 305 -36.23 -18.38 2.97
N ASN C 306 -36.21 -18.56 1.65
CA ASN C 306 -36.95 -19.52 0.85
C ASN C 306 -36.90 -20.99 1.23
N ASN C 307 -35.89 -21.33 2.06
CA ASN C 307 -35.63 -22.72 2.41
C ASN C 307 -34.68 -22.88 3.59
N GLX D 2 14.32 -10.14 -10.13
CA GLX D 2 14.72 -8.81 -9.70
C GLX D 2 13.61 -7.77 -9.46
N HIS D 3 12.52 -7.59 -10.21
CA HIS D 3 11.56 -6.53 -10.01
C HIS D 3 10.30 -6.98 -9.25
N ALA D 4 10.13 -8.20 -8.84
CA ALA D 4 9.05 -8.51 -7.86
C ALA D 4 8.99 -10.03 -7.76
N ASP D 5 8.21 -10.61 -8.66
CA ASP D 5 8.00 -12.01 -8.64
C ASP D 5 8.10 -12.63 -10.03
N PRO D 6 9.32 -13.10 -10.23
CA PRO D 6 9.62 -13.68 -11.55
C PRO D 6 8.68 -14.86 -11.77
N ILE D 7 8.38 -15.63 -10.72
CA ILE D 7 7.62 -16.89 -10.80
C ILE D 7 6.11 -16.70 -11.03
N CYS D 8 5.58 -15.55 -10.71
CA CYS D 8 4.17 -15.29 -10.85
C CYS D 8 3.77 -15.61 -12.28
N ASN D 9 2.65 -16.18 -12.61
CA ASN D 9 2.26 -16.38 -14.00
C ASN D 9 3.11 -17.45 -14.67
N LYS D 10 3.87 -18.18 -13.93
CA LYS D 10 4.61 -19.36 -14.46
C LYS D 10 3.65 -20.52 -14.49
N PRO D 11 3.67 -21.35 -15.52
CA PRO D 11 2.87 -22.57 -15.64
C PRO D 11 3.36 -23.57 -14.57
N CYS D 12 2.38 -23.91 -13.79
CA CYS D 12 2.34 -24.69 -12.58
C CYS D 12 1.65 -26.03 -12.83
N LYS D 13 1.68 -26.95 -11.88
CA LYS D 13 0.99 -28.22 -11.81
C LYS D 13 0.94 -28.82 -10.41
N THR D 14 1.76 -28.42 -9.49
CA THR D 14 1.96 -28.63 -8.08
C THR D 14 2.25 -27.22 -7.48
N HIS D 15 2.31 -27.08 -6.18
CA HIS D 15 2.67 -25.72 -5.61
C HIS D 15 4.20 -25.52 -5.65
N ASP D 16 4.73 -26.69 -6.00
CA ASP D 16 6.14 -27.09 -5.97
C ASP D 16 6.78 -26.64 -7.25
N ASP D 17 6.02 -26.67 -8.33
CA ASP D 17 6.46 -26.24 -9.63
C ASP D 17 6.50 -24.74 -9.74
N CYS D 18 6.35 -24.08 -8.60
CA CYS D 18 6.40 -22.62 -8.38
C CYS D 18 7.69 -22.24 -7.62
N SER D 19 8.89 -22.51 -8.15
CA SER D 19 10.20 -22.38 -7.43
C SER D 19 10.10 -21.47 -6.20
N GLY D 20 10.06 -20.14 -6.23
CA GLY D 20 9.86 -19.49 -4.88
C GLY D 20 9.90 -17.99 -5.11
N ALA D 21 8.62 -17.63 -5.15
CA ALA D 21 8.47 -16.19 -5.54
C ALA D 21 8.32 -15.33 -4.36
N TRP D 22 8.45 -15.70 -3.09
CA TRP D 22 7.96 -14.66 -2.10
C TRP D 22 6.53 -14.23 -2.43
N PHE D 23 6.07 -14.05 -3.62
CA PHE D 23 4.69 -13.65 -3.88
C PHE D 23 3.88 -14.84 -4.40
N CYS D 24 3.91 -15.07 -5.66
CA CYS D 24 3.18 -16.14 -6.31
C CYS D 24 3.69 -17.56 -6.02
N GLN D 25 3.13 -18.16 -4.98
CA GLN D 25 3.59 -19.47 -4.51
C GLN D 25 2.50 -20.51 -4.35
N ALA D 26 1.30 -20.23 -4.85
CA ALA D 26 0.19 -21.17 -4.90
C ALA D 26 -0.04 -21.54 -6.38
N CYS D 27 -0.32 -22.79 -6.60
CA CYS D 27 -0.83 -23.15 -7.97
C CYS D 27 -2.36 -22.91 -7.93
N TRP D 28 -2.81 -22.35 -9.04
CA TRP D 28 -4.26 -22.10 -9.15
C TRP D 28 -4.78 -23.20 -10.05
N ASN D 29 -5.60 -24.11 -9.64
CA ASN D 29 -6.06 -25.28 -10.34
C ASN D 29 -7.20 -24.90 -11.23
N SER D 30 -6.99 -23.83 -11.93
CA SER D 30 -8.05 -23.31 -12.79
C SER D 30 -7.42 -22.28 -13.65
N ALA D 31 -6.12 -22.14 -13.76
CA ALA D 31 -5.40 -21.15 -14.61
C ALA D 31 -3.95 -21.59 -14.36
N ARG D 32 -3.67 -22.83 -14.34
CA ARG D 32 -2.56 -23.59 -13.83
C ARG D 32 -1.28 -22.74 -14.04
N THR D 33 -1.14 -21.71 -13.23
CA THR D 33 -0.24 -20.60 -13.21
C THR D 33 0.19 -20.25 -11.81
N CYS D 34 1.40 -20.11 -11.33
CA CYS D 34 1.73 -19.48 -10.03
C CYS D 34 1.12 -18.08 -9.83
N GLY D 35 0.41 -17.91 -8.75
CA GLY D 35 -0.32 -16.74 -8.30
C GLY D 35 -0.06 -16.89 -6.78
N PRO D 36 -0.44 -15.88 -6.06
CA PRO D 36 -0.26 -15.83 -4.61
C PRO D 36 -1.44 -16.47 -3.92
N TYR D 37 -1.47 -16.70 -2.64
CA TYR D 37 -2.61 -17.29 -1.95
C TYR D 37 -3.54 -16.11 -1.73
N VAL D 38 -4.76 -16.23 -2.11
CA VAL D 38 -5.86 -15.21 -1.91
C VAL D 38 -6.67 -15.61 -0.72
N GLY E . 12.27 10.05 -12.18
CA GLY E . 13.49 9.31 -12.51
C GLY E . 14.70 9.76 -11.64
O GLY E . 15.32 8.97 -10.84
OXT GLY E . 15.43 10.71 -12.14
ZN ZN F . 11.13 8.91 -8.42
N GLY G . -7.22 -18.57 1.75
CA GLY G . -7.67 -19.15 0.48
C GLY G . -9.20 -19.03 0.29
O GLY G . -9.74 -18.37 -0.66
OXT GLY G . -9.89 -20.05 0.71
ZN ZN H . -7.80 -14.53 1.54
#